data_4ZCM
#
_entry.id   4ZCM
#
_cell.length_a   56.821
_cell.length_b   160.125
_cell.length_c   89.718
_cell.angle_alpha   90.00
_cell.angle_beta   98.04
_cell.angle_gamma   90.00
#
_symmetry.space_group_name_H-M   'P 1 21 1'
#
loop_
_entity.id
_entity.type
_entity.pdbx_description
1 polymer 'GTP-binding protein TypA/BipA'
2 non-polymer 'COBALT HEXAMMINE(III)'
3 non-polymer "GUANOSINE-5',3'-TETRAPHOSPHATE"
4 non-polymer 'MAGNESIUM ION'
#
_entity_poly.entity_id   1
_entity_poly.type   'polypeptide(L)'
_entity_poly.pdbx_seq_one_letter_code
;MGSSHHHHHHSSGLVPRGSHMASMTGGQQMGRGSMIEKLRNIAIIAHVDHGKTTLVDKLLQQSGTFDSRAETQERVMDSN
DLEKERGITILAKNTAIKWNDYRINIVDTPGHADFGGEVERVMSMVDSVLLVVDAFDGPMPQTRFVTKKAFAYGLKPIVV
INKVDRPGARPDWVVDQVFDLFVNLDATDEQLDFPIVYASALNGIAGLDHEDMAEDMTPLYQAIVDHVPAPDVDLDGPFQ
MQISQLDYNSYVGVIGIGRIKRGKVKPNQQVTIIDSEGKTRNAKVGKVLGHLGLERIETDLAEAGDIVAITGLGELNISD
TVCDTQNVEALPALSVDEPTVSMFFCVNTSPFCGKEGKFVTSRQILDRLNKELVHNVALRVEETEDADAFRVSGRGELHL
SVLIENMRREGFELAVSRPKVIFREIDGRKQEPYENVTLDVEEQHQGSVMQALGERKGDLKNMNPDGKGRVRLDYVIPSR
GLIGFRSEFMTMTSGTGLLYSTFSHYDDVRPGEVGQRQNGVLISNGQGKAVAFALFGLQDRGKLFLGHGAEVYEGQIIGI
HSRSNDLTVNCLTGKKLTNMRASGTDEAVVLVPPIRMTLEQALEFIDDDELVEVTPTSIRIRKRHLTENDRRRANRAPKD
D
;
_entity_poly.pdbx_strand_id   A,B
#
# COMPACT_ATOMS: atom_id res chain seq x y z
N MET A 35 -12.25 -19.02 31.18
CA MET A 35 -12.74 -17.71 30.79
C MET A 35 -11.68 -16.97 29.97
N ILE A 36 -12.14 -16.22 28.96
CA ILE A 36 -11.28 -15.51 28.02
C ILE A 36 -10.43 -16.48 27.20
N GLU A 37 -10.84 -17.75 27.16
CA GLU A 37 -10.23 -18.72 26.27
C GLU A 37 -11.27 -19.25 25.29
N LYS A 38 -12.03 -18.32 24.72
CA LYS A 38 -12.88 -18.62 23.58
C LYS A 38 -12.19 -18.12 22.32
N LEU A 39 -10.86 -18.10 22.37
CA LEU A 39 -10.04 -17.62 21.26
C LEU A 39 -9.65 -18.75 20.33
N ARG A 40 -9.65 -18.46 19.03
CA ARG A 40 -9.17 -19.39 18.02
C ARG A 40 -8.28 -18.68 17.01
N ASN A 41 -6.97 -18.80 17.17
CA ASN A 41 -6.04 -18.22 16.21
C ASN A 41 -5.67 -19.24 15.14
N ILE A 42 -6.10 -18.97 13.91
CA ILE A 42 -5.88 -19.91 12.82
C ILE A 42 -5.34 -19.20 11.57
N ALA A 43 -4.42 -19.87 10.88
CA ALA A 43 -3.90 -19.36 9.62
C ALA A 43 -4.63 -20.03 8.47
N ILE A 44 -4.76 -19.33 7.35
CA ILE A 44 -5.48 -19.90 6.21
C ILE A 44 -4.55 -20.05 5.00
N ILE A 45 -4.64 -21.21 4.34
CA ILE A 45 -3.86 -21.49 3.15
C ILE A 45 -4.76 -21.82 1.98
N ALA A 46 -4.48 -21.21 0.82
CA ALA A 46 -5.19 -21.55 -0.41
C ALA A 46 -4.46 -21.06 -1.64
N HIS A 47 -4.27 -21.97 -2.59
CA HIS A 47 -3.76 -21.62 -3.92
C HIS A 47 -4.65 -20.55 -4.52
N VAL A 48 -4.08 -19.71 -5.38
CA VAL A 48 -4.81 -18.59 -5.96
C VAL A 48 -6.08 -19.06 -6.68
N ASP A 49 -7.15 -18.27 -6.55
CA ASP A 49 -8.46 -18.58 -7.13
C ASP A 49 -9.05 -19.89 -6.62
N HIS A 50 -8.87 -20.16 -5.33
CA HIS A 50 -9.45 -21.36 -4.71
C HIS A 50 -10.47 -21.02 -3.62
N GLY A 51 -10.76 -19.73 -3.45
CA GLY A 51 -11.85 -19.31 -2.60
C GLY A 51 -11.51 -18.90 -1.18
N LYS A 52 -10.29 -18.42 -0.95
CA LYS A 52 -9.89 -18.04 0.41
C LYS A 52 -10.31 -16.61 0.75
N THR A 53 -10.36 -15.75 -0.25
CA THR A 53 -10.84 -14.38 -0.04
C THR A 53 -12.36 -14.41 0.11
N THR A 54 -12.98 -15.30 -0.66
CA THR A 54 -14.45 -15.40 -0.69
C THR A 54 -15.00 -16.17 0.50
N LEU A 55 -14.25 -17.18 0.97
CA LEU A 55 -14.68 -17.98 2.13
C LEU A 55 -14.71 -17.14 3.39
N VAL A 56 -13.60 -16.47 3.68
CA VAL A 56 -13.47 -15.61 4.84
C VAL A 56 -14.48 -14.46 4.77
N ASP A 57 -14.83 -14.08 3.54
CA ASP A 57 -15.78 -13.00 3.31
C ASP A 57 -17.19 -13.39 3.75
N LYS A 58 -17.51 -14.68 3.64
CA LYS A 58 -18.77 -15.20 4.16
C LYS A 58 -18.76 -15.16 5.68
N LEU A 59 -17.85 -15.95 6.25
CA LEU A 59 -17.67 -16.08 7.70
C LEU A 59 -17.76 -14.75 8.45
N LEU A 60 -17.35 -13.68 7.79
CA LEU A 60 -17.47 -12.34 8.33
C LEU A 60 -18.93 -11.91 8.41
N GLN A 61 -19.63 -11.98 7.28
CA GLN A 61 -20.99 -11.46 7.20
C GLN A 61 -22.02 -12.37 7.87
N GLN A 62 -21.67 -13.64 8.06
CA GLN A 62 -22.58 -14.59 8.71
C GLN A 62 -22.29 -14.69 10.19
N SER A 63 -21.70 -13.63 10.75
CA SER A 63 -21.26 -13.64 12.13
C SER A 63 -21.84 -12.49 12.94
N GLY A 64 -21.46 -12.43 14.21
CA GLY A 64 -21.95 -11.40 15.11
C GLY A 64 -21.05 -10.17 15.14
N THR A 65 -19.99 -10.19 14.33
CA THR A 65 -19.08 -9.06 14.27
C THR A 65 -19.59 -8.00 13.29
N ILE A 90 -9.12 -8.63 -1.84
CA ILE A 90 -7.92 -8.90 -1.07
C ILE A 90 -8.23 -9.01 0.42
N LEU A 91 -7.70 -10.04 1.06
CA LEU A 91 -7.86 -10.22 2.50
C LEU A 91 -7.01 -9.21 3.26
N ALA A 92 -7.36 -9.00 4.52
CA ALA A 92 -6.46 -8.30 5.43
C ALA A 92 -5.46 -9.30 5.96
N LYS A 93 -4.29 -8.83 6.38
CA LYS A 93 -3.26 -9.73 6.91
C LYS A 93 -3.77 -10.50 8.13
N ASN A 94 -4.86 -9.99 8.72
CA ASN A 94 -5.58 -10.72 9.76
C ASN A 94 -7.04 -10.29 9.79
N THR A 95 -7.94 -11.27 9.83
CA THR A 95 -9.37 -11.00 9.93
C THR A 95 -9.93 -11.52 11.25
N ALA A 96 -10.49 -10.61 12.05
CA ALA A 96 -11.10 -11.00 13.32
C ALA A 96 -12.58 -11.29 13.12
N ILE A 97 -13.08 -12.34 13.79
CA ILE A 97 -14.46 -12.76 13.61
C ILE A 97 -15.12 -13.12 14.94
N LYS A 98 -16.32 -12.60 15.16
CA LYS A 98 -17.09 -12.92 16.36
C LYS A 98 -18.19 -13.93 16.04
N TRP A 99 -18.11 -15.10 16.65
CA TRP A 99 -19.13 -16.12 16.47
C TRP A 99 -19.68 -16.51 17.83
N ASN A 100 -20.86 -16.00 18.14
CA ASN A 100 -21.41 -16.04 19.49
C ASN A 100 -20.42 -15.41 20.46
N ASP A 101 -19.83 -16.20 21.34
CA ASP A 101 -18.85 -15.67 22.27
C ASP A 101 -17.45 -16.19 21.99
N TYR A 102 -17.23 -16.68 20.77
CA TYR A 102 -15.89 -17.07 20.33
C TYR A 102 -15.29 -15.98 19.46
N ARG A 103 -13.99 -15.74 19.62
CA ARG A 103 -13.27 -14.80 18.76
C ARG A 103 -12.27 -15.52 17.88
N ILE A 104 -12.53 -15.53 16.58
CA ILE A 104 -11.68 -16.24 15.63
C ILE A 104 -10.78 -15.29 14.84
N ASN A 105 -9.46 -15.46 15.02
CA ASN A 105 -8.49 -14.73 14.23
C ASN A 105 -8.03 -15.55 13.04
N ILE A 106 -8.35 -15.07 11.84
CA ILE A 106 -7.90 -15.72 10.62
C ILE A 106 -6.74 -14.95 10.01
N VAL A 107 -5.54 -15.50 10.18
CA VAL A 107 -4.33 -14.85 9.69
C VAL A 107 -4.02 -15.29 8.27
N ASP A 108 -3.87 -14.33 7.36
CA ASP A 108 -3.58 -14.63 5.98
C ASP A 108 -2.12 -15.01 5.79
N THR A 109 -1.88 -15.95 4.87
CA THR A 109 -0.53 -16.34 4.51
C THR A 109 -0.14 -15.63 3.21
N PRO A 110 1.16 -15.44 2.97
CA PRO A 110 1.50 -14.66 1.77
C PRO A 110 1.43 -15.46 0.48
N GLY A 111 1.88 -14.86 -0.62
CA GLY A 111 2.02 -15.56 -1.88
C GLY A 111 2.99 -16.72 -1.76
N HIS A 112 3.20 -17.45 -2.85
CA HIS A 112 4.04 -18.65 -2.79
C HIS A 112 5.51 -18.42 -3.17
N ALA A 113 6.04 -17.26 -2.80
CA ALA A 113 7.48 -17.06 -2.78
C ALA A 113 7.87 -16.83 -1.32
N ASP A 114 9.16 -16.97 -1.01
CA ASP A 114 9.62 -16.68 0.34
C ASP A 114 9.57 -15.18 0.58
N PHE A 115 8.47 -14.69 1.14
CA PHE A 115 8.34 -13.26 1.43
C PHE A 115 9.15 -12.89 2.67
N GLY A 116 10.41 -13.30 2.68
CA GLY A 116 11.28 -13.08 3.83
C GLY A 116 11.09 -14.13 4.90
N GLY A 117 10.29 -15.15 4.59
CA GLY A 117 9.96 -16.17 5.56
C GLY A 117 8.89 -15.67 6.51
N GLU A 118 7.85 -15.06 5.94
CA GLU A 118 6.72 -14.59 6.73
C GLU A 118 5.84 -15.78 7.11
N VAL A 119 6.01 -16.87 6.39
CA VAL A 119 5.22 -18.08 6.62
C VAL A 119 5.51 -18.66 7.99
N GLU A 120 6.75 -18.54 8.45
CA GLU A 120 7.09 -18.99 9.80
C GLU A 120 6.58 -18.00 10.83
N ARG A 121 6.61 -16.71 10.47
CA ARG A 121 6.12 -15.65 11.34
C ARG A 121 4.63 -15.82 11.61
N VAL A 122 3.87 -16.04 10.54
CA VAL A 122 2.44 -16.26 10.63
C VAL A 122 2.12 -17.49 11.48
N MET A 123 2.81 -18.60 11.20
CA MET A 123 2.61 -19.84 11.97
C MET A 123 2.96 -19.64 13.43
N SER A 124 3.87 -18.72 13.72
CA SER A 124 4.29 -18.45 15.09
C SER A 124 3.17 -17.79 15.90
N MET A 125 2.18 -17.27 15.19
CA MET A 125 1.07 -16.57 15.84
C MET A 125 -0.21 -17.40 15.92
N VAL A 126 -0.22 -18.56 15.28
CA VAL A 126 -1.45 -19.36 15.21
C VAL A 126 -1.29 -20.75 15.83
N ASP A 127 -2.43 -21.35 16.18
CA ASP A 127 -2.44 -22.65 16.84
C ASP A 127 -3.07 -23.72 15.94
N SER A 128 -3.40 -23.35 14.72
CA SER A 128 -3.92 -24.28 13.73
C SER A 128 -3.87 -23.66 12.34
N VAL A 129 -4.05 -24.48 11.31
CA VAL A 129 -4.03 -23.97 9.95
C VAL A 129 -5.27 -24.44 9.16
N LEU A 130 -5.73 -23.59 8.26
CA LEU A 130 -6.94 -23.86 7.49
C LEU A 130 -6.62 -23.97 6.00
N LEU A 131 -6.57 -25.19 5.49
CA LEU A 131 -6.21 -25.43 4.10
C LEU A 131 -7.45 -25.51 3.19
N VAL A 132 -7.61 -24.51 2.34
CA VAL A 132 -8.74 -24.46 1.41
C VAL A 132 -8.36 -25.10 0.07
N VAL A 133 -9.19 -26.01 -0.41
CA VAL A 133 -8.88 -26.79 -1.60
C VAL A 133 -10.05 -26.87 -2.58
N ASP A 134 -9.79 -26.53 -3.84
CA ASP A 134 -10.78 -26.66 -4.90
C ASP A 134 -11.28 -28.09 -5.01
N ALA A 135 -12.59 -28.26 -5.17
CA ALA A 135 -13.19 -29.59 -5.17
C ALA A 135 -12.92 -30.36 -6.47
N PHE A 136 -12.40 -29.68 -7.49
CA PHE A 136 -12.09 -30.35 -8.74
C PHE A 136 -10.58 -30.49 -8.98
N ASP A 137 -9.87 -29.36 -9.03
CA ASP A 137 -8.44 -29.36 -9.30
C ASP A 137 -7.65 -30.01 -8.18
N GLY A 138 -8.23 -30.02 -6.98
CA GLY A 138 -7.57 -30.59 -5.82
C GLY A 138 -6.46 -29.68 -5.33
N PRO A 139 -5.63 -30.18 -4.41
CA PRO A 139 -4.54 -29.33 -3.93
C PRO A 139 -3.48 -29.13 -5.01
N MET A 140 -2.92 -27.93 -5.08
CA MET A 140 -1.89 -27.62 -6.06
C MET A 140 -0.52 -27.59 -5.37
N PRO A 141 0.51 -28.04 -6.09
CA PRO A 141 1.88 -28.14 -5.56
C PRO A 141 2.44 -26.83 -5.02
N GLN A 142 1.92 -25.70 -5.46
CA GLN A 142 2.45 -24.40 -5.07
C GLN A 142 2.30 -24.11 -3.58
N THR A 143 1.31 -24.74 -2.96
CA THR A 143 1.08 -24.55 -1.52
C THR A 143 1.81 -25.61 -0.69
N ARG A 144 2.75 -26.29 -1.33
CA ARG A 144 3.59 -27.30 -0.68
C ARG A 144 4.26 -26.77 0.58
N PHE A 145 5.04 -25.72 0.40
CA PHE A 145 5.98 -25.25 1.42
C PHE A 145 5.29 -24.55 2.58
N VAL A 146 4.19 -23.85 2.28
CA VAL A 146 3.42 -23.19 3.33
C VAL A 146 2.83 -24.23 4.27
N THR A 147 2.26 -25.28 3.67
CA THR A 147 1.72 -26.40 4.44
C THR A 147 2.82 -27.10 5.23
N LYS A 148 3.96 -27.29 4.58
CA LYS A 148 5.13 -27.93 5.17
C LYS A 148 5.56 -27.25 6.46
N LYS A 149 5.63 -25.92 6.43
CA LYS A 149 6.08 -25.15 7.58
C LYS A 149 5.06 -25.16 8.70
N ALA A 150 3.78 -25.19 8.33
CA ALA A 150 2.71 -25.32 9.32
C ALA A 150 2.85 -26.63 10.07
N PHE A 151 3.30 -27.66 9.36
CA PHE A 151 3.54 -28.96 9.97
C PHE A 151 4.79 -28.94 10.84
N ALA A 152 5.78 -28.14 10.43
CA ALA A 152 7.03 -28.01 11.18
C ALA A 152 6.78 -27.34 12.52
N TYR A 153 5.77 -26.47 12.56
CA TYR A 153 5.39 -25.78 13.79
C TYR A 153 4.40 -26.60 14.59
N GLY A 154 4.22 -27.85 14.17
CA GLY A 154 3.40 -28.80 14.91
C GLY A 154 1.91 -28.54 14.85
N LEU A 155 1.49 -27.74 13.88
CA LEU A 155 0.08 -27.38 13.74
C LEU A 155 -0.69 -28.50 13.05
N LYS A 156 -1.89 -28.80 13.57
CA LYS A 156 -2.77 -29.76 12.92
C LYS A 156 -3.81 -29.01 12.10
N PRO A 157 -4.02 -29.45 10.85
CA PRO A 157 -4.79 -28.70 9.85
C PRO A 157 -6.30 -28.93 9.88
N ILE A 158 -7.03 -27.95 9.39
CA ILE A 158 -8.45 -28.09 9.09
C ILE A 158 -8.63 -27.93 7.59
N VAL A 159 -9.08 -28.98 6.92
CA VAL A 159 -9.18 -28.94 5.47
C VAL A 159 -10.57 -28.56 4.97
N VAL A 160 -10.64 -27.46 4.25
CA VAL A 160 -11.87 -27.03 3.61
C VAL A 160 -11.83 -27.32 2.13
N ILE A 161 -12.77 -28.14 1.67
CA ILE A 161 -12.88 -28.43 0.25
C ILE A 161 -13.95 -27.54 -0.38
N ASN A 162 -13.49 -26.51 -1.08
CA ASN A 162 -14.36 -25.47 -1.59
C ASN A 162 -14.76 -25.69 -3.05
N LYS A 163 -15.71 -24.91 -3.53
CA LYS A 163 -16.23 -25.00 -4.89
C LYS A 163 -16.71 -26.41 -5.17
N VAL A 164 -17.58 -26.91 -4.30
CA VAL A 164 -18.06 -28.28 -4.37
C VAL A 164 -19.34 -28.35 -5.20
N ASP A 165 -19.92 -27.18 -5.50
CA ASP A 165 -21.15 -27.11 -6.26
C ASP A 165 -20.89 -27.06 -7.76
N ARG A 166 -19.61 -27.07 -8.15
CA ARG A 166 -19.26 -27.04 -9.56
C ARG A 166 -19.41 -28.43 -10.18
N PRO A 167 -19.87 -28.49 -11.43
CA PRO A 167 -20.05 -29.77 -12.10
C PRO A 167 -18.72 -30.45 -12.38
N GLY A 168 -18.63 -31.74 -12.10
CA GLY A 168 -17.39 -32.47 -12.26
C GLY A 168 -16.59 -32.46 -10.98
N ALA A 169 -17.13 -31.84 -9.94
CA ALA A 169 -16.49 -31.84 -8.63
C ALA A 169 -16.30 -33.26 -8.14
N ARG A 170 -15.10 -33.55 -7.65
CA ARG A 170 -14.75 -34.89 -7.21
C ARG A 170 -14.18 -34.88 -5.79
N PRO A 171 -15.05 -34.60 -4.79
CA PRO A 171 -14.62 -34.46 -3.39
C PRO A 171 -13.94 -35.69 -2.84
N ASP A 172 -14.42 -36.87 -3.21
CA ASP A 172 -13.80 -38.12 -2.79
C ASP A 172 -12.35 -38.19 -3.25
N TRP A 173 -12.11 -37.76 -4.49
CA TRP A 173 -10.78 -37.80 -5.07
C TRP A 173 -9.84 -36.79 -4.43
N VAL A 174 -10.32 -35.56 -4.20
CA VAL A 174 -9.47 -34.52 -3.65
C VAL A 174 -9.18 -34.76 -2.17
N VAL A 175 -9.99 -35.60 -1.52
CA VAL A 175 -9.72 -36.01 -0.15
C VAL A 175 -8.49 -36.90 -0.12
N ASP A 176 -8.44 -37.85 -1.04
CA ASP A 176 -7.29 -38.75 -1.17
C ASP A 176 -6.03 -37.98 -1.55
N GLN A 177 -6.17 -37.06 -2.49
CA GLN A 177 -5.06 -36.21 -2.94
C GLN A 177 -4.45 -35.44 -1.79
N VAL A 178 -5.29 -34.76 -1.02
CA VAL A 178 -4.85 -33.99 0.14
C VAL A 178 -4.21 -34.90 1.17
N PHE A 179 -4.83 -36.05 1.41
CA PHE A 179 -4.30 -37.03 2.35
C PHE A 179 -2.91 -37.51 1.92
N ASP A 180 -2.78 -37.82 0.63
CA ASP A 180 -1.50 -38.25 0.08
C ASP A 180 -0.47 -37.13 0.12
N LEU A 181 -0.90 -35.91 -0.16
CA LEU A 181 0.00 -34.75 -0.12
C LEU A 181 0.64 -34.60 1.25
N PHE A 182 -0.07 -35.07 2.28
CA PHE A 182 0.50 -35.08 3.62
C PHE A 182 1.55 -36.19 3.73
N VAL A 183 2.29 -36.36 2.65
CA VAL A 183 3.48 -37.14 2.69
C VAL A 183 4.61 -36.17 2.98
N ASN A 184 4.28 -35.13 3.74
CA ASN A 184 5.27 -34.21 4.23
C ASN A 184 5.71 -34.80 5.54
N LEU A 185 6.36 -35.94 5.39
CA LEU A 185 6.83 -36.69 6.55
C LEU A 185 6.20 -36.26 7.86
N ASP A 186 4.94 -35.85 7.81
CA ASP A 186 4.29 -35.26 8.97
C ASP A 186 3.76 -36.32 9.92
N ALA A 187 3.52 -35.91 11.15
CA ALA A 187 3.09 -36.80 12.21
C ALA A 187 1.85 -37.57 11.83
N THR A 188 1.71 -38.78 12.38
CA THR A 188 0.48 -39.53 12.31
C THR A 188 -0.62 -38.61 12.82
N ASP A 189 -0.36 -38.03 13.99
CA ASP A 189 -1.24 -37.08 14.66
C ASP A 189 -1.86 -36.02 13.74
N GLU A 190 -1.08 -35.48 12.82
CA GLU A 190 -1.55 -34.41 11.95
C GLU A 190 -2.38 -34.92 10.78
N GLN A 191 -1.92 -35.99 10.14
CA GLN A 191 -2.67 -36.58 9.04
C GLN A 191 -3.84 -37.39 9.60
N LEU A 192 -3.70 -37.86 10.83
CA LEU A 192 -4.84 -38.41 11.55
C LEU A 192 -5.80 -37.29 11.87
N ASP A 193 -7.09 -37.55 11.66
CA ASP A 193 -8.14 -36.75 12.25
C ASP A 193 -8.07 -35.26 11.91
N PHE A 194 -7.54 -34.93 10.73
CA PHE A 194 -7.78 -33.60 10.21
C PHE A 194 -9.23 -33.63 9.74
N PRO A 195 -10.08 -32.78 10.31
CA PRO A 195 -11.49 -32.81 9.91
C PRO A 195 -11.66 -32.25 8.51
N ILE A 196 -12.76 -32.60 7.85
CA ILE A 196 -13.00 -32.12 6.50
C ILE A 196 -14.34 -31.40 6.40
N VAL A 197 -14.27 -30.13 6.03
CA VAL A 197 -15.47 -29.33 5.83
C VAL A 197 -15.64 -29.00 4.36
N TYR A 198 -16.78 -29.34 3.79
CA TYR A 198 -17.06 -29.03 2.40
C TYR A 198 -17.77 -27.68 2.33
N ALA A 199 -17.38 -26.85 1.38
CA ALA A 199 -17.88 -25.48 1.33
C ALA A 199 -18.13 -24.98 -0.09
N SER A 200 -19.16 -24.16 -0.23
CA SER A 200 -19.40 -23.43 -1.46
C SER A 200 -19.64 -21.97 -1.12
N ALA A 201 -18.56 -21.23 -0.90
CA ALA A 201 -18.62 -19.85 -0.44
C ALA A 201 -19.39 -18.95 -1.40
N LEU A 202 -19.46 -19.34 -2.67
CA LEU A 202 -20.24 -18.60 -3.66
C LEU A 202 -21.71 -18.60 -3.25
N ASN A 203 -22.12 -19.63 -2.51
CA ASN A 203 -23.48 -19.71 -1.98
C ASN A 203 -23.49 -19.56 -0.46
N GLY A 204 -22.38 -19.95 0.17
CA GLY A 204 -22.24 -19.84 1.61
C GLY A 204 -22.67 -21.10 2.35
N ILE A 205 -22.39 -22.26 1.74
CA ILE A 205 -22.82 -23.52 2.31
C ILE A 205 -21.62 -24.25 2.92
N ALA A 206 -21.76 -24.75 4.16
CA ALA A 206 -20.73 -25.59 4.75
C ALA A 206 -21.35 -26.86 5.31
N GLY A 207 -20.61 -27.96 5.28
CA GLY A 207 -21.12 -29.23 5.78
C GLY A 207 -20.07 -30.33 5.87
N LEU A 208 -20.29 -31.28 6.76
CA LEU A 208 -19.37 -32.39 6.96
C LEU A 208 -19.48 -33.41 5.81
N ASP A 209 -20.64 -33.44 5.19
CA ASP A 209 -20.82 -34.16 3.93
C ASP A 209 -21.04 -33.12 2.84
N HIS A 210 -21.03 -33.52 1.58
CA HIS A 210 -21.22 -32.56 0.50
C HIS A 210 -22.55 -32.76 -0.23
N GLU A 211 -23.19 -33.88 0.03
CA GLU A 211 -24.53 -34.12 -0.49
C GLU A 211 -25.55 -33.70 0.57
N ASP A 212 -25.23 -34.03 1.82
CA ASP A 212 -25.90 -33.44 2.97
C ASP A 212 -25.13 -32.20 3.38
N MET A 213 -25.80 -31.04 3.42
CA MET A 213 -25.11 -29.78 3.68
C MET A 213 -25.99 -28.78 4.42
N ALA A 214 -25.40 -28.06 5.36
CA ALA A 214 -26.13 -27.06 6.14
C ALA A 214 -26.53 -25.86 5.28
N GLU A 215 -27.43 -25.05 5.80
CA GLU A 215 -27.95 -23.90 5.06
C GLU A 215 -27.01 -22.70 5.11
N ASP A 216 -25.97 -22.79 5.96
CA ASP A 216 -24.97 -21.74 6.04
C ASP A 216 -23.59 -22.27 6.45
N MET A 217 -22.79 -21.41 7.05
CA MET A 217 -21.38 -21.71 7.33
C MET A 217 -21.13 -22.31 8.72
N THR A 218 -22.20 -22.52 9.48
CA THR A 218 -22.11 -22.99 10.87
C THR A 218 -21.18 -24.22 11.07
N PRO A 219 -21.26 -25.25 10.19
CA PRO A 219 -20.35 -26.38 10.38
C PRO A 219 -18.87 -26.00 10.36
N LEU A 220 -18.51 -24.97 9.60
CA LEU A 220 -17.12 -24.52 9.54
C LEU A 220 -16.70 -23.87 10.85
N TYR A 221 -17.52 -22.93 11.33
CA TYR A 221 -17.31 -22.31 12.63
C TYR A 221 -17.10 -23.36 13.70
N GLN A 222 -18.05 -24.30 13.76
CA GLN A 222 -18.05 -25.37 14.74
C GLN A 222 -16.76 -26.18 14.66
N ALA A 223 -16.34 -26.50 13.44
CA ALA A 223 -15.11 -27.25 13.22
C ALA A 223 -13.89 -26.47 13.71
N ILE A 224 -13.89 -25.17 13.46
CA ILE A 224 -12.82 -24.29 13.93
C ILE A 224 -12.77 -24.28 15.46
N VAL A 225 -13.93 -24.08 16.08
CA VAL A 225 -14.04 -24.08 17.53
C VAL A 225 -13.60 -25.43 18.12
N ASP A 226 -14.03 -26.51 17.49
CA ASP A 226 -13.83 -27.86 18.04
C ASP A 226 -12.41 -28.40 17.87
N HIS A 227 -11.74 -28.04 16.79
CA HIS A 227 -10.46 -28.68 16.46
C HIS A 227 -9.24 -27.75 16.55
N VAL A 228 -9.48 -26.45 16.69
CA VAL A 228 -8.37 -25.52 16.92
C VAL A 228 -8.17 -25.33 18.42
N PRO A 229 -6.97 -25.63 18.92
CA PRO A 229 -6.67 -25.42 20.34
C PRO A 229 -6.66 -23.94 20.70
N ALA A 230 -7.02 -23.63 21.94
CA ALA A 230 -6.88 -22.28 22.46
C ALA A 230 -5.39 -21.98 22.58
N PRO A 231 -5.01 -20.69 22.49
CA PRO A 231 -3.59 -20.31 22.58
C PRO A 231 -2.92 -20.79 23.87
N ASP A 232 -1.69 -21.29 23.72
CA ASP A 232 -0.90 -21.74 24.88
C ASP A 232 -0.26 -20.54 25.56
N VAL A 233 -1.05 -19.78 26.30
CA VAL A 233 -0.57 -18.55 26.92
C VAL A 233 -0.92 -18.44 28.40
N ASP A 234 -0.16 -17.62 29.11
CA ASP A 234 -0.45 -17.30 30.50
C ASP A 234 -0.96 -15.88 30.63
N LEU A 235 -2.20 -15.75 31.11
CA LEU A 235 -2.85 -14.45 31.22
C LEU A 235 -2.35 -13.63 32.41
N ASP A 236 -1.87 -14.31 33.44
CA ASP A 236 -1.52 -13.66 34.70
C ASP A 236 -0.07 -13.19 34.77
N GLY A 237 0.79 -13.76 33.94
CA GLY A 237 2.20 -13.43 33.95
C GLY A 237 2.47 -11.98 33.54
N PRO A 238 3.75 -11.58 33.55
CA PRO A 238 4.13 -10.24 33.09
C PRO A 238 4.10 -10.13 31.57
N PHE A 239 3.80 -8.94 31.06
CA PHE A 239 3.62 -8.72 29.62
C PHE A 239 4.80 -9.18 28.78
N GLN A 240 4.51 -9.94 27.73
CA GLN A 240 5.52 -10.42 26.81
C GLN A 240 4.91 -10.65 25.43
N MET A 241 5.55 -10.10 24.40
CA MET A 241 5.02 -10.19 23.05
C MET A 241 6.12 -10.03 22.00
N GLN A 242 6.25 -11.01 21.11
CA GLN A 242 7.21 -10.95 20.03
C GLN A 242 6.58 -10.35 18.78
N ILE A 243 7.30 -9.44 18.13
CA ILE A 243 6.83 -8.86 16.88
C ILE A 243 6.96 -9.89 15.75
N SER A 244 5.85 -10.19 15.09
CA SER A 244 5.84 -11.20 14.03
C SER A 244 5.75 -10.54 12.66
N GLN A 245 4.98 -9.48 12.54
CA GLN A 245 4.98 -8.68 11.32
C GLN A 245 5.08 -7.19 11.64
N LEU A 246 5.29 -6.38 10.61
CA LEU A 246 5.38 -4.94 10.76
C LEU A 246 4.40 -4.24 9.83
N ASP A 247 4.15 -2.96 10.12
CA ASP A 247 3.22 -2.16 9.33
C ASP A 247 3.53 -0.69 9.55
N TYR A 248 3.07 0.16 8.64
CA TYR A 248 3.32 1.59 8.78
C TYR A 248 2.14 2.43 8.31
N ASN A 249 1.97 3.57 8.98
CA ASN A 249 0.98 4.56 8.64
C ASN A 249 1.59 5.91 9.00
N SER A 250 1.56 6.85 8.08
CA SER A 250 2.26 8.13 8.24
C SER A 250 1.82 8.92 9.47
N TYR A 251 0.74 8.47 10.09
CA TYR A 251 0.09 9.21 11.18
C TYR A 251 0.54 8.67 12.53
N VAL A 252 0.68 7.35 12.59
CA VAL A 252 0.98 6.66 13.82
C VAL A 252 2.47 6.33 13.93
N GLY A 253 3.09 6.06 12.78
CA GLY A 253 4.48 5.66 12.74
C GLY A 253 4.60 4.17 12.46
N VAL A 254 5.67 3.57 12.96
CA VAL A 254 5.90 2.14 12.77
C VAL A 254 4.94 1.33 13.64
N ILE A 255 4.32 0.32 13.04
CA ILE A 255 3.36 -0.53 13.75
C ILE A 255 3.90 -1.94 13.95
N GLY A 256 3.86 -2.41 15.20
CA GLY A 256 4.33 -3.74 15.52
C GLY A 256 3.20 -4.72 15.78
N ILE A 257 3.26 -5.87 15.13
CA ILE A 257 2.18 -6.85 15.20
C ILE A 257 2.66 -8.19 15.74
N GLY A 258 1.89 -8.77 16.66
CA GLY A 258 2.21 -10.07 17.20
C GLY A 258 1.06 -10.68 17.99
N ARG A 259 1.31 -11.85 18.58
CA ARG A 259 0.35 -12.49 19.46
C ARG A 259 0.86 -12.45 20.89
N ILE A 260 0.17 -11.70 21.75
CA ILE A 260 0.58 -11.53 23.14
C ILE A 260 0.72 -12.88 23.82
N LYS A 261 1.94 -13.19 24.23
CA LYS A 261 2.28 -14.50 24.79
C LYS A 261 1.96 -14.55 26.29
N ARG A 262 2.05 -13.40 26.93
CA ARG A 262 1.92 -13.33 28.38
C ARG A 262 1.52 -11.93 28.81
N GLY A 263 0.81 -11.82 29.92
CA GLY A 263 0.43 -10.53 30.46
C GLY A 263 -0.54 -9.75 29.60
N LYS A 264 -0.72 -8.48 29.96
CA LYS A 264 -1.67 -7.60 29.28
C LYS A 264 -1.01 -6.26 28.96
N VAL A 265 -1.59 -5.51 28.04
CA VAL A 265 -1.00 -4.22 27.66
C VAL A 265 -2.05 -3.12 27.50
N LYS A 266 -1.72 -1.94 28.01
CA LYS A 266 -2.58 -0.77 27.92
C LYS A 266 -1.85 0.36 27.19
N PRO A 267 -2.61 1.34 26.67
CA PRO A 267 -1.95 2.54 26.13
C PRO A 267 -1.13 3.26 27.21
N ASN A 268 -0.04 3.91 26.80
CA ASN A 268 0.84 4.65 27.70
C ASN A 268 1.57 3.80 28.73
N GLN A 269 1.45 2.48 28.61
CA GLN A 269 2.18 1.57 29.49
C GLN A 269 3.69 1.69 29.24
N GLN A 270 4.47 1.65 30.31
CA GLN A 270 5.92 1.66 30.14
C GLN A 270 6.37 0.25 29.75
N VAL A 271 7.35 0.17 28.86
CA VAL A 271 7.71 -1.13 28.30
C VAL A 271 9.19 -1.19 27.91
N THR A 272 9.73 -2.40 27.89
CA THR A 272 11.11 -2.63 27.48
C THR A 272 11.17 -3.59 26.30
N ILE A 273 11.90 -3.22 25.26
CA ILE A 273 12.04 -4.05 24.07
C ILE A 273 13.42 -4.68 24.01
N ILE A 274 13.48 -5.99 23.82
CA ILE A 274 14.74 -6.69 23.72
C ILE A 274 14.86 -7.43 22.39
N ASP A 275 15.91 -7.14 21.63
CA ASP A 275 16.09 -7.77 20.33
C ASP A 275 16.68 -9.17 20.47
N SER A 276 17.04 -9.78 19.36
CA SER A 276 17.50 -11.15 19.39
C SER A 276 18.73 -11.35 20.24
N GLU A 277 19.73 -10.53 20.02
CA GLU A 277 21.01 -10.72 20.69
C GLU A 277 20.88 -10.49 22.17
N GLY A 278 20.16 -9.45 22.52
CA GLY A 278 19.89 -9.14 23.92
C GLY A 278 20.14 -7.69 24.29
N LYS A 279 20.17 -6.81 23.29
CA LYS A 279 20.19 -5.38 23.56
C LYS A 279 18.79 -4.97 23.99
N THR A 280 18.70 -3.99 24.88
CA THR A 280 17.40 -3.53 25.35
C THR A 280 17.25 -2.03 25.21
N ARG A 281 16.01 -1.58 25.09
CA ARG A 281 15.69 -0.16 25.15
C ARG A 281 14.36 -0.02 25.89
N ASN A 282 14.11 1.17 26.41
CA ASN A 282 12.82 1.46 27.03
C ASN A 282 11.98 2.32 26.11
N ALA A 283 10.68 2.08 26.13
CA ALA A 283 9.75 2.86 25.32
C ALA A 283 8.39 2.91 26.00
N LYS A 284 7.54 3.80 25.53
CA LYS A 284 6.17 3.90 26.03
C LYS A 284 5.20 3.60 24.90
N VAL A 285 4.39 2.57 25.05
CA VAL A 285 3.42 2.21 24.02
C VAL A 285 2.45 3.37 23.87
N GLY A 286 2.16 3.73 22.62
CA GLY A 286 1.27 4.83 22.34
C GLY A 286 -0.16 4.33 22.28
N LYS A 287 -0.45 3.54 21.25
CA LYS A 287 -1.79 3.00 21.06
C LYS A 287 -1.76 1.48 20.94
N VAL A 288 -2.77 0.83 21.51
CA VAL A 288 -2.92 -0.61 21.36
C VAL A 288 -4.08 -0.89 20.42
N LEU A 289 -3.77 -1.39 19.23
CA LEU A 289 -4.78 -1.61 18.20
C LEU A 289 -5.17 -3.08 18.10
N GLY A 290 -6.44 -3.38 18.36
CA GLY A 290 -6.96 -4.72 18.19
C GLY A 290 -7.70 -4.85 16.88
N HIS A 291 -7.72 -6.06 16.33
CA HIS A 291 -8.40 -6.29 15.06
C HIS A 291 -9.87 -6.62 15.27
N LEU A 292 -10.72 -6.13 14.39
CA LEU A 292 -12.16 -6.33 14.52
C LEU A 292 -12.79 -6.96 13.28
N GLY A 293 -12.76 -6.23 12.17
CA GLY A 293 -13.26 -6.77 10.91
C GLY A 293 -12.09 -6.98 9.96
N LEU A 294 -11.94 -6.05 9.03
CA LEU A 294 -10.71 -5.94 8.25
C LEU A 294 -9.97 -4.73 8.79
N GLU A 295 -10.32 -4.35 10.01
CA GLU A 295 -9.91 -3.08 10.58
C GLU A 295 -9.14 -3.22 11.89
N ARG A 296 -8.60 -2.10 12.34
CA ARG A 296 -8.00 -2.01 13.67
C ARG A 296 -8.60 -0.85 14.43
N ILE A 297 -9.19 -1.14 15.59
CA ILE A 297 -9.68 -0.10 16.46
C ILE A 297 -8.73 0.07 17.64
N GLU A 298 -8.67 1.28 18.20
CA GLU A 298 -7.88 1.51 19.39
C GLU A 298 -8.54 0.81 20.57
N THR A 299 -7.73 0.16 21.39
CA THR A 299 -8.26 -0.53 22.57
C THR A 299 -7.59 0.01 23.82
N ASP A 300 -8.30 -0.07 24.94
CA ASP A 300 -7.73 0.31 26.23
C ASP A 300 -7.02 -0.89 26.86
N LEU A 301 -7.27 -2.07 26.32
CA LEU A 301 -6.69 -3.28 26.90
C LEU A 301 -6.63 -4.46 25.93
N ALA A 302 -5.43 -5.01 25.77
CA ALA A 302 -5.25 -6.27 25.06
C ALA A 302 -4.50 -7.23 25.98
N GLU A 303 -4.91 -8.50 25.97
CA GLU A 303 -4.30 -9.48 26.87
C GLU A 303 -3.90 -10.75 26.12
N ALA A 304 -3.22 -11.65 26.83
CA ALA A 304 -2.61 -12.85 26.24
C ALA A 304 -3.55 -13.61 25.32
N GLY A 305 -3.03 -14.02 24.17
CA GLY A 305 -3.82 -14.73 23.18
C GLY A 305 -4.30 -13.80 22.07
N ASP A 306 -4.41 -12.52 22.38
CA ASP A 306 -4.85 -11.53 21.40
C ASP A 306 -3.78 -11.29 20.34
N ILE A 307 -4.23 -11.16 19.09
CA ILE A 307 -3.37 -10.70 18.02
C ILE A 307 -3.64 -9.22 17.81
N VAL A 308 -2.69 -8.37 18.20
CA VAL A 308 -2.88 -6.93 18.12
C VAL A 308 -1.71 -6.21 17.46
N ALA A 309 -1.88 -4.91 17.28
CA ALA A 309 -0.84 -4.06 16.70
C ALA A 309 -0.48 -2.95 17.69
N ILE A 310 0.81 -2.76 17.92
CA ILE A 310 1.26 -1.76 18.88
C ILE A 310 1.95 -0.60 18.14
N THR A 311 2.00 0.57 18.80
CA THR A 311 2.12 1.83 18.09
C THR A 311 3.29 2.73 18.52
N GLY A 312 3.45 2.94 19.82
CA GLY A 312 4.32 4.01 20.30
C GLY A 312 5.80 3.69 20.35
N LEU A 313 6.13 2.46 19.96
CA LEU A 313 7.52 2.02 20.00
C LEU A 313 8.22 2.45 18.71
N GLY A 314 9.55 2.53 18.78
CA GLY A 314 10.33 3.07 17.66
C GLY A 314 10.47 2.13 16.49
N GLU A 315 11.71 1.91 16.06
CA GLU A 315 12.01 1.02 14.95
C GLU A 315 11.92 -0.43 15.39
N LEU A 316 10.70 -0.94 15.50
CA LEU A 316 10.51 -2.34 15.86
C LEU A 316 11.04 -3.24 14.76
N ASN A 317 11.74 -4.30 15.16
CA ASN A 317 12.25 -5.29 14.23
C ASN A 317 11.58 -6.62 14.48
N ILE A 318 11.32 -7.38 13.42
CA ILE A 318 10.75 -8.71 13.57
C ILE A 318 11.67 -9.55 14.45
N SER A 319 11.06 -10.24 15.41
CA SER A 319 11.70 -11.05 16.47
C SER A 319 12.10 -10.20 17.69
N ASP A 320 11.77 -8.91 17.67
CA ASP A 320 11.89 -8.11 18.89
C ASP A 320 10.86 -8.60 19.89
N THR A 321 11.22 -8.60 21.17
CA THR A 321 10.29 -9.01 22.21
C THR A 321 9.94 -7.83 23.10
N VAL A 322 8.65 -7.51 23.18
CA VAL A 322 8.17 -6.40 23.99
C VAL A 322 7.74 -6.90 25.37
N CYS A 323 8.38 -6.39 26.41
CA CYS A 323 8.18 -6.93 27.75
C CYS A 323 7.89 -5.87 28.80
N ASP A 324 7.19 -6.29 29.86
CA ASP A 324 7.04 -5.48 31.06
C ASP A 324 8.43 -5.07 31.54
N THR A 325 8.62 -3.79 31.81
CA THR A 325 9.94 -3.20 32.08
C THR A 325 10.79 -3.95 33.11
N GLN A 326 10.15 -4.78 33.92
CA GLN A 326 10.84 -5.40 35.05
C GLN A 326 10.88 -6.92 34.94
N ASN A 327 10.33 -7.45 33.84
CA ASN A 327 10.41 -8.88 33.57
C ASN A 327 10.76 -9.13 32.11
N VAL A 328 11.87 -8.54 31.68
CA VAL A 328 12.34 -8.66 30.31
C VAL A 328 12.77 -10.09 30.01
N GLU A 329 12.04 -10.75 29.12
CA GLU A 329 12.37 -12.10 28.69
C GLU A 329 12.12 -12.23 27.20
N ALA A 330 13.20 -12.40 26.43
CA ALA A 330 13.08 -12.50 24.99
C ALA A 330 12.49 -13.84 24.57
N LEU A 331 11.49 -13.79 23.70
CA LEU A 331 10.99 -15.00 23.06
C LEU A 331 12.00 -15.43 22.00
N PRO A 332 12.23 -16.75 21.87
CA PRO A 332 13.26 -17.25 20.97
C PRO A 332 13.05 -16.86 19.52
N ALA A 333 14.07 -16.28 18.89
CA ALA A 333 14.05 -16.06 17.45
C ALA A 333 13.81 -17.40 16.78
N LEU A 334 13.01 -17.39 15.72
CA LEU A 334 12.29 -18.58 15.31
C LEU A 334 12.89 -19.39 14.16
N SER A 335 12.87 -18.81 12.96
CA SER A 335 13.09 -19.59 11.76
C SER A 335 14.48 -19.49 11.17
N VAL A 336 14.93 -20.60 10.57
CA VAL A 336 15.89 -20.51 9.48
C VAL A 336 15.90 -21.77 8.63
N ASP A 337 15.52 -21.59 7.37
CA ASP A 337 15.77 -22.56 6.33
C ASP A 337 17.27 -22.63 6.11
N GLU A 338 17.91 -23.69 6.60
CA GLU A 338 19.31 -23.89 6.31
C GLU A 338 19.46 -24.15 4.82
N PRO A 339 20.45 -23.50 4.18
CA PRO A 339 20.67 -23.73 2.75
C PRO A 339 21.17 -25.15 2.48
N THR A 340 20.91 -25.67 1.29
CA THR A 340 21.27 -27.03 0.96
C THR A 340 22.02 -27.14 -0.37
N VAL A 341 22.03 -26.05 -1.14
CA VAL A 341 22.71 -26.04 -2.42
C VAL A 341 23.59 -24.79 -2.57
N SER A 342 24.89 -25.01 -2.67
CA SER A 342 25.85 -23.90 -2.81
C SER A 342 26.19 -23.67 -4.27
N MET A 343 26.77 -22.50 -4.56
CA MET A 343 27.00 -22.06 -5.92
C MET A 343 27.87 -20.81 -5.91
N PHE A 344 28.83 -20.72 -6.84
CA PHE A 344 29.80 -19.63 -6.82
C PHE A 344 29.47 -18.52 -7.82
N PHE A 345 29.29 -17.30 -7.32
CA PHE A 345 29.14 -16.13 -8.18
C PHE A 345 30.52 -15.47 -8.33
N CYS A 346 30.91 -15.18 -9.56
CA CYS A 346 32.24 -14.63 -9.82
C CYS A 346 32.19 -13.39 -10.69
N VAL A 347 33.24 -12.57 -10.63
CA VAL A 347 33.37 -11.49 -11.60
C VAL A 347 33.60 -12.14 -12.96
N ASN A 348 33.11 -11.51 -14.02
CA ASN A 348 33.20 -12.13 -15.34
C ASN A 348 34.58 -11.87 -15.92
N THR A 349 35.47 -12.83 -15.70
CA THR A 349 36.88 -12.70 -16.06
C THR A 349 37.12 -12.81 -17.56
N SER A 350 36.05 -13.05 -18.32
CA SER A 350 36.14 -13.14 -19.77
C SER A 350 36.71 -11.89 -20.43
N PRO A 351 37.32 -12.06 -21.61
CA PRO A 351 37.73 -10.94 -22.48
C PRO A 351 36.54 -10.07 -22.89
N PHE A 352 35.33 -10.54 -22.59
CA PHE A 352 34.13 -9.72 -22.70
C PHE A 352 33.73 -9.24 -21.31
N CYS A 353 34.52 -8.36 -20.71
CA CYS A 353 34.19 -7.86 -19.37
C CYS A 353 32.97 -6.97 -19.43
N GLY A 354 33.18 -5.67 -19.66
CA GLY A 354 32.08 -4.75 -19.83
C GLY A 354 31.68 -4.63 -21.29
N LYS A 355 30.84 -5.56 -21.74
CA LYS A 355 30.43 -5.58 -23.14
C LYS A 355 28.91 -5.45 -23.27
N GLU A 356 28.19 -6.21 -22.45
CA GLU A 356 26.73 -6.22 -22.51
C GLU A 356 26.11 -5.92 -21.16
N GLY A 357 26.95 -5.79 -20.12
CA GLY A 357 26.48 -5.54 -18.77
C GLY A 357 27.09 -4.30 -18.15
N LYS A 358 26.25 -3.51 -17.48
CA LYS A 358 26.68 -2.26 -16.88
C LYS A 358 27.57 -2.46 -15.66
N PHE A 359 27.02 -3.07 -14.61
CA PHE A 359 27.71 -3.23 -13.34
C PHE A 359 28.39 -4.59 -13.21
N VAL A 360 29.73 -4.61 -13.18
CA VAL A 360 30.49 -5.84 -13.34
C VAL A 360 31.70 -6.02 -12.40
N THR A 361 31.72 -5.35 -11.25
CA THR A 361 32.92 -5.32 -10.40
C THR A 361 32.81 -6.26 -9.19
N SER A 362 33.91 -6.41 -8.46
CA SER A 362 34.01 -7.30 -7.30
C SER A 362 33.08 -6.93 -6.15
N ARG A 363 33.15 -5.67 -5.72
CA ARG A 363 32.28 -5.20 -4.65
C ARG A 363 30.88 -4.94 -5.19
N GLN A 364 30.81 -4.56 -6.47
CA GLN A 364 29.55 -4.38 -7.20
C GLN A 364 28.64 -5.58 -7.06
N ILE A 365 29.25 -6.76 -6.97
CA ILE A 365 28.51 -8.00 -6.80
C ILE A 365 28.28 -8.28 -5.32
N LEU A 366 29.30 -8.04 -4.50
CA LEU A 366 29.22 -8.30 -3.07
C LEU A 366 28.20 -7.36 -2.44
N ASP A 367 28.11 -6.14 -2.99
CA ASP A 367 27.11 -5.17 -2.54
C ASP A 367 25.71 -5.76 -2.58
N ARG A 368 25.25 -6.11 -3.78
CA ARG A 368 23.95 -6.75 -3.96
C ARG A 368 23.92 -8.11 -3.26
N LEU A 369 25.10 -8.65 -2.97
CA LEU A 369 25.19 -9.90 -2.21
C LEU A 369 25.02 -9.67 -0.71
N ASN A 370 24.64 -8.45 -0.34
CA ASN A 370 24.18 -8.15 1.01
C ASN A 370 22.95 -7.25 0.98
N LYS A 371 22.17 -7.38 -0.08
CA LYS A 371 20.90 -6.67 -0.20
C LYS A 371 19.79 -7.71 -0.30
N GLU A 372 20.10 -8.82 -0.96
CA GLU A 372 19.16 -9.91 -1.12
C GLU A 372 19.23 -10.85 0.08
N LEU A 373 20.16 -10.56 1.00
CA LEU A 373 20.26 -11.29 2.26
C LEU A 373 19.02 -11.09 3.13
N VAL A 374 18.33 -9.98 2.93
CA VAL A 374 17.20 -9.60 3.78
C VAL A 374 15.89 -10.02 3.12
N HIS A 375 15.93 -10.20 1.81
CA HIS A 375 14.80 -10.72 1.04
C HIS A 375 14.63 -12.22 1.29
N ASN A 376 15.45 -12.77 2.17
CA ASN A 376 15.79 -14.19 2.08
C ASN A 376 16.71 -14.66 3.21
N VAL A 377 16.18 -15.46 4.13
CA VAL A 377 16.98 -16.05 5.21
C VAL A 377 17.42 -17.46 4.83
N ALA A 378 16.85 -17.98 3.74
CA ALA A 378 17.23 -19.29 3.23
C ALA A 378 18.67 -19.28 2.73
N LEU A 379 19.07 -18.14 2.18
CA LEU A 379 20.39 -17.99 1.57
C LEU A 379 21.46 -17.54 2.56
N ARG A 380 22.70 -17.79 2.20
CA ARG A 380 23.85 -17.20 2.87
C ARG A 380 24.80 -16.63 1.82
N VAL A 381 25.75 -15.82 2.27
CA VAL A 381 26.83 -15.36 1.41
C VAL A 381 28.14 -15.48 2.18
N GLU A 382 29.18 -15.95 1.51
CA GLU A 382 30.48 -16.11 2.16
C GLU A 382 31.61 -15.49 1.35
N GLU A 383 32.70 -15.15 2.03
CA GLU A 383 33.87 -14.58 1.38
C GLU A 383 34.86 -15.66 1.00
N THR A 384 35.12 -15.81 -0.29
CA THR A 384 36.14 -16.73 -0.75
C THR A 384 37.50 -16.04 -0.75
N GLU A 385 38.56 -16.81 -0.92
CA GLU A 385 39.91 -16.29 -0.84
C GLU A 385 40.26 -15.56 -2.13
N ASP A 386 39.78 -16.10 -3.25
CA ASP A 386 39.69 -15.34 -4.49
C ASP A 386 38.75 -14.18 -4.19
N ALA A 387 39.27 -12.96 -4.24
CA ALA A 387 38.48 -11.79 -3.85
C ALA A 387 37.53 -11.33 -4.95
N ASP A 388 37.33 -12.19 -5.95
CA ASP A 388 36.47 -11.86 -7.08
C ASP A 388 35.38 -12.92 -7.29
N ALA A 389 35.25 -13.83 -6.33
CA ALA A 389 34.25 -14.89 -6.40
C ALA A 389 33.65 -15.14 -5.02
N PHE A 390 32.38 -15.53 -4.97
CA PHE A 390 31.70 -15.67 -3.68
C PHE A 390 30.85 -16.93 -3.57
N ARG A 391 30.85 -17.52 -2.38
CA ARG A 391 30.12 -18.74 -2.09
C ARG A 391 28.74 -18.43 -1.55
N VAL A 392 27.76 -18.39 -2.44
CA VAL A 392 26.37 -18.13 -2.07
C VAL A 392 25.57 -19.43 -2.09
N SER A 393 24.83 -19.68 -1.02
CA SER A 393 24.05 -20.90 -0.89
C SER A 393 22.56 -20.61 -0.84
N GLY A 394 21.74 -21.60 -1.14
CA GLY A 394 20.30 -21.43 -1.15
C GLY A 394 19.53 -22.70 -0.84
N ARG A 395 18.23 -22.68 -1.10
CA ARG A 395 17.38 -23.84 -0.83
C ARG A 395 17.50 -24.88 -1.93
N GLY A 396 17.00 -24.54 -3.11
CA GLY A 396 17.12 -25.41 -4.27
C GLY A 396 17.92 -24.71 -5.35
N GLU A 397 18.19 -25.42 -6.44
CA GLU A 397 18.87 -24.80 -7.57
C GLU A 397 17.96 -23.75 -8.19
N LEU A 398 16.65 -23.99 -8.07
CA LEU A 398 15.64 -23.06 -8.57
C LEU A 398 15.66 -21.75 -7.77
N HIS A 399 16.02 -21.85 -6.50
CA HIS A 399 16.14 -20.68 -5.64
C HIS A 399 17.21 -19.72 -6.17
N LEU A 400 18.41 -20.24 -6.36
CA LEU A 400 19.54 -19.43 -6.80
C LEU A 400 19.45 -19.03 -8.26
N SER A 401 18.80 -19.88 -9.07
CA SER A 401 18.72 -19.67 -10.52
C SER A 401 18.08 -18.35 -10.90
N VAL A 402 16.83 -18.15 -10.48
CA VAL A 402 16.07 -16.96 -10.87
C VAL A 402 16.68 -15.69 -10.28
N LEU A 403 17.49 -15.87 -9.24
CA LEU A 403 18.17 -14.75 -8.60
C LEU A 403 19.10 -14.11 -9.63
N ILE A 404 19.77 -14.95 -10.40
CA ILE A 404 20.63 -14.50 -11.49
C ILE A 404 19.77 -13.88 -12.60
N GLU A 405 18.77 -14.63 -13.06
CA GLU A 405 17.86 -14.17 -14.12
C GLU A 405 17.28 -12.79 -13.82
N ASN A 406 17.23 -12.44 -12.53
CA ASN A 406 16.88 -11.08 -12.12
C ASN A 406 18.08 -10.16 -12.10
N MET A 407 19.19 -10.60 -11.48
CA MET A 407 20.41 -9.79 -11.49
C MET A 407 20.89 -9.61 -12.93
N ARG A 408 20.47 -10.51 -13.80
CA ARG A 408 20.69 -10.34 -15.23
C ARG A 408 20.10 -9.01 -15.69
N ARG A 409 18.77 -8.91 -15.72
CA ARG A 409 18.18 -7.66 -16.21
C ARG A 409 18.13 -6.59 -15.10
N GLU A 410 18.67 -6.92 -13.93
CA GLU A 410 19.00 -5.86 -12.98
C GLU A 410 20.22 -5.13 -13.52
N GLY A 411 20.82 -5.69 -14.58
CA GLY A 411 21.88 -5.05 -15.32
C GLY A 411 23.27 -5.48 -14.93
N PHE A 412 23.47 -6.79 -14.76
CA PHE A 412 24.76 -7.29 -14.28
C PHE A 412 25.50 -8.15 -15.28
N GLU A 413 26.61 -8.71 -14.80
CA GLU A 413 27.47 -9.56 -15.61
C GLU A 413 28.40 -10.31 -14.66
N LEU A 414 28.25 -11.62 -14.61
CA LEU A 414 29.00 -12.42 -13.65
C LEU A 414 29.18 -13.86 -14.14
N ALA A 415 30.22 -14.51 -13.64
CA ALA A 415 30.46 -15.92 -13.94
C ALA A 415 29.99 -16.78 -12.78
N VAL A 416 29.36 -17.91 -13.09
CA VAL A 416 28.81 -18.76 -12.03
C VAL A 416 29.14 -20.24 -12.27
N SER A 417 29.55 -20.92 -11.19
CA SER A 417 29.88 -22.34 -11.26
C SER A 417 28.64 -23.22 -11.38
N ARG A 418 28.83 -24.52 -11.27
CA ARG A 418 27.71 -25.45 -11.23
C ARG A 418 27.33 -25.71 -9.76
N PRO A 419 26.03 -25.90 -9.50
CA PRO A 419 25.56 -26.00 -8.11
C PRO A 419 25.92 -27.34 -7.49
N LYS A 420 26.35 -27.31 -6.24
CA LYS A 420 26.66 -28.53 -5.51
C LYS A 420 25.92 -28.55 -4.18
N VAL A 421 25.62 -29.75 -3.69
CA VAL A 421 24.95 -29.87 -2.40
C VAL A 421 25.93 -29.49 -1.29
N ILE A 422 25.40 -28.89 -0.23
CA ILE A 422 26.20 -28.63 0.95
C ILE A 422 26.22 -29.89 1.80
N PHE A 423 27.41 -30.45 2.00
CA PHE A 423 27.54 -31.60 2.88
C PHE A 423 27.64 -31.15 4.33
N ARG A 424 27.23 -32.02 5.25
CA ARG A 424 27.36 -31.76 6.66
C ARG A 424 27.76 -33.03 7.41
N GLU A 425 28.59 -32.87 8.43
CA GLU A 425 29.00 -33.99 9.26
C GLU A 425 28.22 -33.98 10.56
N ILE A 426 27.50 -35.07 10.83
CA ILE A 426 26.74 -35.20 12.05
C ILE A 426 27.06 -36.52 12.72
N ASP A 427 27.69 -36.44 13.90
CA ASP A 427 28.16 -37.61 14.66
C ASP A 427 29.26 -38.37 13.94
N GLY A 428 30.21 -37.63 13.35
CA GLY A 428 31.33 -38.26 12.67
C GLY A 428 31.00 -38.78 11.29
N ARG A 429 29.71 -39.04 11.05
CA ARG A 429 29.25 -39.48 9.75
C ARG A 429 28.77 -38.31 8.90
N LYS A 430 29.41 -38.13 7.76
CA LYS A 430 29.02 -37.11 6.79
C LYS A 430 27.63 -37.42 6.23
N GLN A 431 26.78 -36.40 6.12
CA GLN A 431 25.46 -36.59 5.51
C GLN A 431 25.20 -35.56 4.41
N GLU A 432 24.21 -35.86 3.57
CA GLU A 432 23.81 -34.99 2.47
C GLU A 432 22.30 -34.80 2.48
N PRO A 433 21.79 -33.78 1.76
CA PRO A 433 20.35 -33.57 1.73
C PRO A 433 19.60 -34.52 0.78
N TYR A 434 18.62 -35.23 1.33
CA TYR A 434 17.68 -36.00 0.52
C TYR A 434 16.39 -35.20 0.41
N GLU A 435 15.62 -35.43 -0.65
CA GLU A 435 14.36 -34.72 -0.80
C GLU A 435 13.28 -35.54 -1.50
N ASN A 436 12.03 -35.15 -1.29
CA ASN A 436 10.89 -35.84 -1.87
C ASN A 436 10.55 -35.32 -3.27
N VAL A 437 10.51 -36.24 -4.23
CA VAL A 437 10.16 -35.87 -5.61
C VAL A 437 8.94 -36.63 -6.09
N THR A 438 7.95 -35.89 -6.60
CA THR A 438 6.78 -36.48 -7.22
C THR A 438 6.75 -36.06 -8.70
N LEU A 439 6.52 -37.03 -9.57
CA LEU A 439 6.56 -36.78 -11.01
C LEU A 439 5.28 -37.21 -11.69
N ASP A 440 4.77 -36.38 -12.59
CA ASP A 440 3.57 -36.70 -13.34
C ASP A 440 3.88 -36.78 -14.83
N VAL A 441 4.03 -38.00 -15.34
CA VAL A 441 4.37 -38.22 -16.74
C VAL A 441 3.27 -38.96 -17.47
N GLU A 442 3.48 -39.19 -18.77
CA GLU A 442 2.63 -40.11 -19.52
C GLU A 442 3.14 -41.52 -19.26
N GLU A 443 2.46 -42.52 -19.81
CA GLU A 443 2.85 -43.89 -19.53
C GLU A 443 3.87 -44.41 -20.55
N GLN A 444 4.11 -43.62 -21.59
CA GLN A 444 5.13 -43.97 -22.58
C GLN A 444 6.52 -43.65 -22.04
N HIS A 445 6.60 -42.63 -21.17
CA HIS A 445 7.87 -42.24 -20.56
C HIS A 445 8.08 -42.92 -19.21
N GLN A 446 7.08 -43.68 -18.77
CA GLN A 446 7.07 -44.24 -17.42
C GLN A 446 8.32 -45.06 -17.11
N GLY A 447 8.64 -46.00 -17.99
CA GLY A 447 9.81 -46.85 -17.79
C GLY A 447 11.11 -46.10 -18.04
N SER A 448 11.02 -45.00 -18.78
CA SER A 448 12.19 -44.21 -19.14
C SER A 448 12.68 -43.33 -17.99
N VAL A 449 11.78 -42.55 -17.41
CA VAL A 449 12.15 -41.68 -16.30
C VAL A 449 12.41 -42.51 -15.04
N MET A 450 11.81 -43.68 -14.98
CA MET A 450 12.04 -44.59 -13.87
C MET A 450 13.46 -45.13 -13.94
N GLN A 451 13.88 -45.47 -15.15
CA GLN A 451 15.22 -45.94 -15.39
C GLN A 451 16.24 -44.86 -15.04
N ALA A 452 15.94 -43.62 -15.45
CA ALA A 452 16.87 -42.50 -15.26
C ALA A 452 17.08 -42.14 -13.79
N LEU A 453 15.99 -42.08 -13.03
CA LEU A 453 16.03 -41.66 -11.63
C LEU A 453 16.79 -42.65 -10.75
N GLY A 454 16.71 -43.93 -11.10
CA GLY A 454 17.44 -44.97 -10.38
C GLY A 454 18.94 -44.83 -10.55
N GLU A 455 19.37 -44.24 -11.66
CA GLU A 455 20.78 -44.04 -11.91
C GLU A 455 21.29 -42.87 -11.09
N ARG A 456 20.37 -41.98 -10.72
CA ARG A 456 20.71 -40.82 -9.92
C ARG A 456 20.39 -41.10 -8.45
N LYS A 457 20.44 -42.39 -8.10
CA LYS A 457 20.25 -42.86 -6.72
C LYS A 457 18.87 -42.53 -6.17
N GLY A 458 17.86 -42.61 -7.02
CA GLY A 458 16.48 -42.39 -6.60
C GLY A 458 15.85 -43.69 -6.11
N ASP A 459 15.23 -43.63 -4.93
CA ASP A 459 14.56 -44.80 -4.39
C ASP A 459 13.04 -44.66 -4.51
N LEU A 460 12.45 -45.52 -5.33
CA LEU A 460 11.01 -45.50 -5.59
C LEU A 460 10.20 -45.82 -4.34
N LYS A 461 9.18 -45.01 -4.08
CA LYS A 461 8.37 -45.16 -2.87
C LYS A 461 6.91 -45.43 -3.19
N ASN A 462 6.46 -44.94 -4.35
CA ASN A 462 5.06 -45.06 -4.73
C ASN A 462 4.86 -44.74 -6.21
N MET A 463 3.81 -45.32 -6.79
CA MET A 463 3.38 -44.95 -8.12
C MET A 463 1.88 -45.15 -8.24
N ASN A 464 1.22 -44.27 -9.01
CA ASN A 464 -0.23 -44.25 -9.09
C ASN A 464 -0.73 -43.84 -10.45
N PRO A 465 -1.05 -44.82 -11.30
CA PRO A 465 -1.63 -44.57 -12.64
C PRO A 465 -2.87 -43.68 -12.59
N ASP A 466 -3.01 -42.84 -13.61
CA ASP A 466 -4.08 -41.84 -13.64
C ASP A 466 -5.43 -42.47 -14.02
N GLY A 467 -5.38 -43.58 -14.73
CA GLY A 467 -6.57 -44.19 -15.29
C GLY A 467 -6.88 -43.60 -16.64
N LYS A 468 -6.31 -42.42 -16.89
CA LYS A 468 -6.52 -41.70 -18.14
C LYS A 468 -5.23 -41.54 -18.93
N GLY A 469 -4.30 -42.47 -18.74
CA GLY A 469 -3.09 -42.50 -19.55
C GLY A 469 -1.86 -41.84 -18.97
N ARG A 470 -2.02 -41.19 -17.82
CA ARG A 470 -0.88 -40.61 -17.13
C ARG A 470 -0.56 -41.42 -15.87
N VAL A 471 0.44 -40.97 -15.12
CA VAL A 471 0.85 -41.68 -13.90
C VAL A 471 1.71 -40.76 -13.05
N ARG A 472 1.59 -40.89 -11.73
CA ARG A 472 2.42 -40.13 -10.82
C ARG A 472 3.35 -41.05 -10.04
N LEU A 473 4.64 -40.73 -10.04
CA LEU A 473 5.64 -41.49 -9.32
C LEU A 473 6.14 -40.69 -8.13
N ASP A 474 6.53 -41.40 -7.07
CA ASP A 474 7.10 -40.74 -5.89
C ASP A 474 8.49 -41.28 -5.59
N TYR A 475 9.40 -40.39 -5.19
CA TYR A 475 10.80 -40.78 -5.00
C TYR A 475 11.46 -40.10 -3.80
N VAL A 476 12.32 -40.86 -3.12
CA VAL A 476 13.25 -40.29 -2.17
C VAL A 476 14.63 -40.27 -2.81
N ILE A 477 15.18 -39.07 -3.00
CA ILE A 477 16.41 -38.92 -3.77
C ILE A 477 17.34 -37.92 -3.10
N PRO A 478 18.64 -38.20 -3.10
CA PRO A 478 19.59 -37.17 -2.67
C PRO A 478 19.58 -36.00 -3.65
N SER A 479 19.65 -34.78 -3.14
CA SER A 479 19.67 -33.58 -3.98
C SER A 479 20.77 -33.70 -5.03
N ARG A 480 21.87 -34.34 -4.63
CA ARG A 480 23.00 -34.60 -5.50
C ARG A 480 22.59 -35.25 -6.82
N GLY A 481 21.72 -36.23 -6.74
CA GLY A 481 21.27 -36.94 -7.93
C GLY A 481 20.16 -36.23 -8.68
N LEU A 482 19.51 -35.27 -8.05
CA LEU A 482 18.38 -34.59 -8.67
C LEU A 482 18.81 -33.33 -9.41
N ILE A 483 19.98 -32.81 -9.08
CA ILE A 483 20.48 -31.56 -9.65
C ILE A 483 20.56 -31.60 -11.18
N GLY A 484 19.87 -30.65 -11.82
CA GLY A 484 19.92 -30.50 -13.26
C GLY A 484 19.15 -31.55 -14.03
N PHE A 485 18.18 -32.17 -13.38
CA PHE A 485 17.36 -33.20 -14.02
C PHE A 485 16.34 -32.60 -14.97
N ARG A 486 15.72 -31.50 -14.54
CA ARG A 486 14.60 -30.88 -15.26
C ARG A 486 14.82 -30.75 -16.76
N SER A 487 16.05 -30.43 -17.16
CA SER A 487 16.41 -30.36 -18.57
C SER A 487 16.25 -31.73 -19.22
N GLU A 488 16.86 -32.73 -18.58
CA GLU A 488 16.78 -34.10 -19.07
C GLU A 488 15.37 -34.64 -18.94
N PHE A 489 14.58 -34.07 -18.02
CA PHE A 489 13.21 -34.53 -17.80
C PHE A 489 12.29 -34.12 -18.95
N MET A 490 12.23 -32.83 -19.21
CA MET A 490 11.28 -32.26 -20.16
C MET A 490 11.39 -32.85 -21.56
N THR A 491 12.57 -32.75 -22.16
CA THR A 491 12.81 -33.28 -23.50
C THR A 491 12.52 -34.78 -23.57
N MET A 492 12.89 -35.49 -22.51
CA MET A 492 12.61 -36.92 -22.36
C MET A 492 11.13 -37.20 -22.36
N THR A 493 10.37 -36.40 -21.61
CA THR A 493 8.93 -36.53 -21.56
C THR A 493 8.26 -35.64 -22.61
N SER A 494 9.08 -35.03 -23.45
CA SER A 494 8.61 -34.18 -24.54
C SER A 494 7.79 -32.99 -24.06
N GLY A 495 8.13 -32.48 -22.88
CA GLY A 495 7.53 -31.26 -22.35
C GLY A 495 6.18 -31.40 -21.68
N THR A 496 5.66 -32.62 -21.61
CA THR A 496 4.33 -32.84 -21.04
C THR A 496 4.38 -33.21 -19.55
N GLY A 497 5.52 -33.76 -19.12
CA GLY A 497 5.66 -34.22 -17.75
C GLY A 497 5.76 -33.09 -16.75
N LEU A 498 5.47 -33.40 -15.49
CA LEU A 498 5.57 -32.42 -14.41
C LEU A 498 6.34 -33.00 -13.24
N LEU A 499 7.21 -32.17 -12.66
CA LEU A 499 8.06 -32.61 -11.56
C LEU A 499 8.03 -31.61 -10.41
N TYR A 500 7.95 -32.12 -9.19
CA TYR A 500 7.94 -31.27 -8.00
C TYR A 500 8.86 -31.85 -6.94
N SER A 501 9.43 -30.99 -6.11
CA SER A 501 10.39 -31.44 -5.11
C SER A 501 10.26 -30.70 -3.79
N THR A 502 10.50 -31.41 -2.70
CA THR A 502 10.47 -30.84 -1.37
C THR A 502 11.56 -31.46 -0.50
N PHE A 503 12.39 -30.61 0.12
CA PHE A 503 13.42 -31.08 1.02
C PHE A 503 12.81 -31.89 2.17
N SER A 504 13.46 -33.01 2.50
CA SER A 504 12.97 -33.88 3.55
C SER A 504 13.89 -33.89 4.75
N HIS A 505 15.09 -34.41 4.57
CA HIS A 505 16.02 -34.60 5.67
C HIS A 505 17.44 -34.88 5.21
N TYR A 506 18.41 -34.55 6.05
CA TYR A 506 19.77 -35.01 5.85
C TYR A 506 19.88 -36.45 6.33
N ASP A 507 20.78 -37.21 5.70
CA ASP A 507 20.99 -38.60 6.06
C ASP A 507 22.31 -39.06 5.47
N ASP A 508 22.86 -40.15 6.00
CA ASP A 508 24.15 -40.69 5.54
C ASP A 508 24.21 -40.75 4.02
N VAL A 509 25.30 -40.26 3.46
CA VAL A 509 25.43 -40.15 2.01
C VAL A 509 25.32 -41.52 1.33
N ARG A 510 24.73 -41.53 0.15
CA ARG A 510 24.74 -42.73 -0.68
C ARG A 510 26.10 -42.83 -1.34
N PRO A 511 26.79 -43.97 -1.16
CA PRO A 511 28.16 -44.11 -1.63
C PRO A 511 28.26 -44.11 -3.15
N GLY A 512 29.25 -43.41 -3.68
CA GLY A 512 29.45 -43.32 -5.11
C GLY A 512 29.17 -41.93 -5.64
N GLU A 513 29.21 -41.79 -6.96
CA GLU A 513 29.00 -40.49 -7.60
C GLU A 513 27.93 -40.60 -8.69
N VAL A 514 27.33 -39.47 -9.03
CA VAL A 514 26.36 -39.39 -10.10
C VAL A 514 27.10 -39.33 -11.44
N GLY A 515 26.52 -39.91 -12.48
CA GLY A 515 27.11 -39.91 -13.81
C GLY A 515 27.46 -38.52 -14.31
N GLN A 516 28.70 -38.38 -14.78
CA GLN A 516 29.19 -37.11 -15.29
C GLN A 516 28.61 -36.83 -16.68
N ARG A 517 29.16 -35.86 -17.41
CA ARG A 517 28.52 -35.38 -18.64
C ARG A 517 28.63 -36.34 -19.83
N GLN A 518 29.60 -37.25 -19.77
CA GLN A 518 29.88 -38.23 -20.84
C GLN A 518 30.46 -37.60 -22.12
N ASN A 519 29.73 -36.68 -22.74
CA ASN A 519 30.27 -35.96 -23.88
C ASN A 519 31.28 -34.90 -23.47
N GLY A 520 32.20 -34.59 -24.39
CA GLY A 520 33.12 -33.48 -24.22
C GLY A 520 32.56 -32.26 -24.91
N VAL A 521 33.31 -31.16 -24.87
CA VAL A 521 32.83 -29.92 -25.47
C VAL A 521 33.77 -29.43 -26.56
N LEU A 522 33.21 -28.72 -27.54
CA LEU A 522 34.02 -28.05 -28.54
C LEU A 522 34.41 -26.68 -28.00
N ILE A 523 35.71 -26.44 -27.86
CA ILE A 523 36.20 -25.20 -27.28
C ILE A 523 36.89 -24.34 -28.34
N SER A 524 36.52 -23.07 -28.40
CA SER A 524 37.09 -22.16 -29.37
C SER A 524 38.57 -21.89 -29.08
N ASN A 525 39.37 -21.79 -30.14
CA ASN A 525 40.80 -21.58 -29.99
C ASN A 525 41.20 -20.11 -30.16
N GLY A 526 40.24 -19.28 -30.55
CA GLY A 526 40.52 -17.88 -30.81
C GLY A 526 39.33 -16.96 -30.68
N GLN A 527 39.55 -15.68 -30.97
CA GLN A 527 38.53 -14.65 -30.80
C GLN A 527 38.20 -13.98 -32.13
N GLY A 528 36.91 -13.99 -32.47
CA GLY A 528 36.45 -13.39 -33.73
C GLY A 528 35.07 -13.87 -34.11
N LYS A 529 34.62 -13.48 -35.30
CA LYS A 529 33.31 -13.86 -35.79
C LYS A 529 33.32 -15.25 -36.40
N ALA A 530 32.41 -16.11 -35.96
CA ALA A 530 32.29 -17.46 -36.49
C ALA A 530 31.82 -17.42 -37.94
N VAL A 531 32.49 -18.18 -38.80
CA VAL A 531 32.12 -18.21 -40.21
C VAL A 531 31.45 -19.54 -40.56
N ALA A 532 30.44 -19.46 -41.42
CA ALA A 532 29.64 -20.62 -41.80
C ALA A 532 30.49 -21.70 -42.46
N PHE A 533 31.55 -21.28 -43.15
CA PHE A 533 32.47 -22.20 -43.81
C PHE A 533 33.07 -23.19 -42.84
N ALA A 534 33.42 -22.70 -41.66
CA ALA A 534 34.02 -23.55 -40.62
C ALA A 534 32.98 -24.40 -39.91
N LEU A 535 31.84 -23.77 -39.57
CA LEU A 535 30.80 -24.43 -38.79
C LEU A 535 30.26 -25.68 -39.46
N PHE A 536 30.12 -25.62 -40.78
CA PHE A 536 29.66 -26.76 -41.58
C PHE A 536 30.56 -27.97 -41.38
N GLY A 537 31.84 -27.71 -41.14
CA GLY A 537 32.81 -28.78 -40.93
C GLY A 537 32.77 -29.34 -39.52
N LEU A 538 32.23 -28.57 -38.59
CA LEU A 538 32.13 -28.99 -37.19
C LEU A 538 30.95 -29.93 -36.99
N GLN A 539 29.97 -29.86 -37.89
CA GLN A 539 28.78 -30.68 -37.81
C GLN A 539 29.11 -32.15 -38.10
N ASP A 540 30.31 -32.37 -38.63
CA ASP A 540 30.84 -33.71 -38.83
C ASP A 540 31.12 -34.41 -37.51
N ARG A 541 31.12 -33.64 -36.43
CA ARG A 541 31.54 -34.16 -35.13
C ARG A 541 30.85 -33.49 -33.95
N GLY A 542 29.55 -33.25 -34.07
CA GLY A 542 28.78 -32.71 -32.95
C GLY A 542 27.73 -31.67 -33.31
N LYS A 543 27.07 -31.15 -32.28
CA LYS A 543 26.05 -30.11 -32.46
C LYS A 543 26.57 -28.76 -31.97
N LEU A 544 26.11 -27.69 -32.61
CA LEU A 544 26.66 -26.36 -32.36
C LEU A 544 25.74 -25.45 -31.54
N PHE A 545 26.30 -24.34 -31.07
CA PHE A 545 25.55 -23.37 -30.27
C PHE A 545 25.35 -22.05 -31.00
N LEU A 546 25.77 -21.98 -32.26
CA LEU A 546 25.70 -20.73 -33.01
C LEU A 546 25.80 -20.91 -34.52
N GLY A 547 25.35 -19.89 -35.24
CA GLY A 547 25.45 -19.86 -36.69
C GLY A 547 26.41 -18.80 -37.17
N HIS A 548 26.31 -18.46 -38.46
CA HIS A 548 27.19 -17.47 -39.08
C HIS A 548 27.10 -16.10 -38.42
N GLY A 549 28.26 -15.51 -38.14
CA GLY A 549 28.32 -14.12 -37.73
C GLY A 549 28.38 -13.86 -36.23
N ALA A 550 28.32 -14.92 -35.43
CA ALA A 550 28.36 -14.79 -33.98
C ALA A 550 29.76 -14.45 -33.49
N GLU A 551 29.85 -13.58 -32.49
CA GLU A 551 31.14 -13.16 -31.94
C GLU A 551 31.59 -14.08 -30.80
N VAL A 552 32.82 -14.56 -30.90
CA VAL A 552 33.35 -15.58 -29.98
C VAL A 552 34.75 -15.18 -29.49
N TYR A 553 35.18 -15.71 -28.35
CA TYR A 553 36.56 -15.56 -27.89
C TYR A 553 37.17 -16.92 -27.53
N GLU A 554 38.41 -16.91 -27.05
CA GLU A 554 39.13 -18.15 -26.78
C GLU A 554 38.87 -18.68 -25.37
N GLY A 555 38.49 -19.95 -25.28
CA GLY A 555 38.13 -20.57 -24.02
C GLY A 555 36.65 -20.83 -23.95
N GLN A 556 35.91 -20.16 -24.83
CA GLN A 556 34.47 -20.29 -24.91
C GLN A 556 34.08 -21.64 -25.49
N ILE A 557 32.99 -22.22 -24.96
CA ILE A 557 32.48 -23.48 -25.46
C ILE A 557 31.40 -23.24 -26.50
N ILE A 558 31.58 -23.83 -27.69
CA ILE A 558 30.73 -23.52 -28.83
C ILE A 558 29.88 -24.69 -29.31
N GLY A 559 30.14 -25.87 -28.78
CA GLY A 559 29.40 -27.05 -29.23
C GLY A 559 29.53 -28.27 -28.34
N ILE A 560 28.84 -29.33 -28.72
CA ILE A 560 28.88 -30.59 -27.98
C ILE A 560 29.58 -31.67 -28.81
N HIS A 561 30.77 -32.05 -28.34
CA HIS A 561 31.58 -33.06 -29.02
C HIS A 561 30.85 -34.40 -29.10
N SER A 562 30.88 -35.02 -30.26
CA SER A 562 30.23 -36.31 -30.46
C SER A 562 30.87 -37.37 -29.56
N ARG A 563 32.15 -37.18 -29.23
CA ARG A 563 32.87 -38.11 -28.39
C ARG A 563 33.02 -37.56 -26.97
N SER A 564 33.85 -38.23 -26.17
CA SER A 564 33.92 -37.95 -24.74
C SER A 564 34.92 -36.85 -24.36
N ASN A 565 36.01 -36.75 -25.10
CA ASN A 565 37.07 -35.81 -24.76
C ASN A 565 36.79 -34.39 -25.24
N ASP A 566 37.36 -33.41 -24.55
CA ASP A 566 37.26 -32.02 -24.96
C ASP A 566 38.09 -31.78 -26.20
N LEU A 567 37.55 -31.02 -27.15
CA LEU A 567 38.26 -30.73 -28.38
C LEU A 567 38.35 -29.24 -28.64
N THR A 568 39.57 -28.70 -28.63
CA THR A 568 39.79 -27.32 -29.02
C THR A 568 39.69 -27.22 -30.53
N VAL A 569 38.89 -26.27 -31.01
CA VAL A 569 38.46 -26.23 -32.39
C VAL A 569 38.50 -24.80 -32.94
N ASN A 570 38.66 -24.65 -34.25
CA ASN A 570 38.66 -23.32 -34.87
C ASN A 570 37.43 -23.07 -35.75
N CYS A 571 36.66 -22.04 -35.39
CA CYS A 571 35.46 -21.68 -36.14
C CYS A 571 35.64 -20.34 -36.86
N LEU A 572 36.90 -19.96 -37.08
CA LEU A 572 37.21 -18.64 -37.62
C LEU A 572 37.63 -18.68 -39.08
N THR A 573 38.38 -19.71 -39.47
CA THR A 573 38.83 -19.86 -40.85
C THR A 573 37.66 -20.00 -41.82
N VAL A 590 24.11 -24.92 -46.23
CA VAL A 590 24.20 -24.00 -45.10
C VAL A 590 23.72 -24.70 -43.83
N LEU A 591 24.02 -24.10 -42.68
CA LEU A 591 23.98 -24.77 -41.38
C LEU A 591 22.69 -25.46 -40.96
N VAL A 592 22.83 -26.38 -40.00
CA VAL A 592 21.70 -26.95 -39.28
C VAL A 592 21.41 -26.00 -38.11
N PRO A 593 20.13 -25.96 -37.66
CA PRO A 593 19.72 -25.01 -36.62
C PRO A 593 20.54 -25.11 -35.33
N PRO A 594 21.02 -23.98 -34.82
CA PRO A 594 21.82 -23.94 -33.58
C PRO A 594 21.00 -24.29 -32.35
N ILE A 595 21.69 -24.73 -31.30
CA ILE A 595 21.04 -24.94 -30.01
C ILE A 595 21.20 -23.71 -29.13
N ARG A 596 20.09 -23.07 -28.80
CA ARG A 596 20.10 -22.00 -27.81
C ARG A 596 19.68 -22.59 -26.47
N MET A 597 20.48 -22.35 -25.45
CA MET A 597 20.21 -22.92 -24.14
C MET A 597 19.71 -21.88 -23.15
N THR A 598 18.58 -22.17 -22.51
CA THR A 598 18.09 -21.34 -21.42
C THR A 598 19.09 -21.41 -20.28
N LEU A 599 19.03 -20.44 -19.37
CA LEU A 599 19.98 -20.36 -18.26
C LEU A 599 20.05 -21.67 -17.49
N GLU A 600 18.89 -22.17 -17.10
CA GLU A 600 18.79 -23.42 -16.35
C GLU A 600 19.35 -24.59 -17.15
N GLN A 601 18.90 -24.71 -18.40
CA GLN A 601 19.37 -25.71 -19.35
C GLN A 601 20.88 -25.75 -19.43
N ALA A 602 21.48 -24.59 -19.66
CA ALA A 602 22.94 -24.48 -19.82
C ALA A 602 23.65 -24.72 -18.49
N LEU A 603 23.01 -24.36 -17.39
CA LEU A 603 23.61 -24.48 -16.07
C LEU A 603 23.70 -25.95 -15.65
N GLU A 604 22.80 -26.76 -16.18
CA GLU A 604 22.80 -28.20 -15.91
C GLU A 604 23.82 -28.91 -16.78
N PHE A 605 24.27 -28.21 -17.83
CA PHE A 605 25.23 -28.76 -18.78
C PHE A 605 26.66 -28.62 -18.29
N ILE A 606 26.92 -27.53 -17.58
CA ILE A 606 28.27 -27.16 -17.14
C ILE A 606 28.93 -28.24 -16.27
N ASP A 607 30.23 -28.43 -16.48
CA ASP A 607 31.01 -29.35 -15.65
C ASP A 607 31.86 -28.56 -14.66
N ASP A 608 32.45 -29.26 -13.70
CA ASP A 608 33.15 -28.63 -12.58
C ASP A 608 34.28 -27.69 -13.00
N ASP A 609 34.89 -27.95 -14.15
CA ASP A 609 36.00 -27.12 -14.61
C ASP A 609 35.53 -26.03 -15.56
N GLU A 610 34.22 -25.73 -15.52
CA GLU A 610 33.64 -24.76 -16.43
C GLU A 610 32.76 -23.75 -15.69
N LEU A 611 32.30 -22.73 -16.42
CA LEU A 611 31.49 -21.66 -15.84
C LEU A 611 30.40 -21.18 -16.79
N VAL A 612 29.41 -20.48 -16.26
CA VAL A 612 28.44 -19.79 -17.09
C VAL A 612 28.62 -18.27 -16.96
N GLU A 613 28.82 -17.61 -18.09
CA GLU A 613 28.92 -16.16 -18.12
C GLU A 613 27.55 -15.58 -18.43
N VAL A 614 27.02 -14.77 -17.52
CA VAL A 614 25.66 -14.25 -17.66
C VAL A 614 25.64 -12.75 -17.97
N THR A 615 24.97 -12.38 -19.05
CA THR A 615 24.87 -10.97 -19.48
C THR A 615 23.43 -10.59 -19.80
N PRO A 616 23.05 -9.32 -19.55
CA PRO A 616 21.65 -8.87 -19.57
C PRO A 616 20.71 -9.37 -20.71
N THR A 617 21.19 -9.71 -21.91
CA THR A 617 20.28 -10.23 -22.95
C THR A 617 20.70 -11.64 -23.41
N SER A 618 21.94 -12.08 -23.10
CA SER A 618 22.26 -13.51 -23.18
C SER A 618 23.56 -13.96 -22.52
N ILE A 619 23.56 -15.25 -22.16
CA ILE A 619 24.60 -15.89 -21.39
C ILE A 619 25.48 -16.82 -22.22
N ARG A 620 26.74 -16.96 -21.84
CA ARG A 620 27.68 -17.81 -22.56
C ARG A 620 28.24 -18.92 -21.69
N ILE A 621 28.65 -20.01 -22.32
CA ILE A 621 29.31 -21.11 -21.63
C ILE A 621 30.83 -21.03 -21.86
N ARG A 622 31.60 -21.20 -20.79
CA ARG A 622 33.05 -21.01 -20.86
C ARG A 622 33.82 -21.97 -19.94
N LYS A 623 35.02 -22.35 -20.38
CA LYS A 623 35.95 -23.11 -19.54
C LYS A 623 36.51 -22.21 -18.44
N ARG A 624 36.97 -22.81 -17.35
CA ARG A 624 37.58 -22.04 -16.27
C ARG A 624 38.91 -21.46 -16.75
N HIS A 625 39.79 -22.34 -17.23
CA HIS A 625 41.04 -21.92 -17.84
C HIS A 625 40.85 -21.70 -19.33
N LEU A 626 41.01 -20.46 -19.78
CA LEU A 626 40.62 -20.06 -21.13
C LEU A 626 41.54 -20.59 -22.23
N THR A 627 42.78 -20.94 -21.89
CA THR A 627 43.73 -21.34 -22.93
C THR A 627 44.05 -22.82 -22.91
N GLU A 628 44.29 -23.36 -24.11
CA GLU A 628 44.69 -24.75 -24.33
C GLU A 628 45.73 -25.25 -23.33
N ASN A 629 46.77 -24.44 -23.14
CA ASN A 629 47.91 -24.82 -22.31
C ASN A 629 47.59 -24.94 -20.83
N ASP A 630 46.78 -24.02 -20.32
CA ASP A 630 46.42 -24.01 -18.90
C ASP A 630 45.62 -25.26 -18.53
N ARG A 631 44.68 -25.62 -19.40
CA ARG A 631 43.84 -26.80 -19.18
C ARG A 631 44.68 -28.07 -19.10
N ARG A 632 45.62 -28.22 -20.03
CA ARG A 632 46.48 -29.39 -20.10
C ARG A 632 47.32 -29.55 -18.83
N ARG A 633 47.71 -28.42 -18.25
CA ARG A 633 48.46 -28.43 -17.00
C ARG A 633 47.63 -28.97 -15.85
N ALA A 634 46.34 -28.68 -15.87
CA ALA A 634 45.43 -29.13 -14.81
C ALA A 634 44.87 -30.51 -15.09
N ASN A 635 45.75 -31.43 -15.48
CA ASN A 635 45.37 -32.82 -15.73
C ASN A 635 46.59 -33.73 -15.83
N MET B 35 25.61 24.73 -14.82
CA MET B 35 25.86 23.29 -14.80
C MET B 35 25.14 22.62 -13.63
N ILE B 36 24.58 21.45 -13.91
CA ILE B 36 23.74 20.70 -12.96
C ILE B 36 22.46 21.46 -12.60
N GLU B 37 22.14 22.48 -13.39
CA GLU B 37 20.87 23.18 -13.23
C GLU B 37 20.02 23.00 -14.49
N LYS B 38 19.98 21.77 -14.98
CA LYS B 38 19.04 21.37 -16.01
C LYS B 38 17.88 20.67 -15.32
N LEU B 39 17.60 21.08 -14.08
CA LEU B 39 16.54 20.49 -13.27
C LEU B 39 15.24 21.24 -13.41
N ARG B 40 14.14 20.49 -13.47
CA ARG B 40 12.81 21.07 -13.43
C ARG B 40 11.93 20.30 -12.45
N ASN B 41 11.66 20.89 -11.29
CA ASN B 41 10.75 20.30 -10.32
C ASN B 41 9.35 20.88 -10.46
N ILE B 42 8.44 20.07 -11.00
CA ILE B 42 7.09 20.55 -11.23
C ILE B 42 6.04 19.64 -10.59
N ALA B 43 5.02 20.24 -10.01
CA ALA B 43 3.89 19.50 -9.48
C ALA B 43 2.79 19.42 -10.54
N ILE B 44 2.07 18.32 -10.56
CA ILE B 44 1.02 18.15 -11.56
C ILE B 44 -0.37 18.10 -10.91
N ILE B 45 -1.30 18.88 -11.46
CA ILE B 45 -2.66 18.92 -10.97
C ILE B 45 -3.66 18.52 -12.06
N ALA B 46 -4.58 17.62 -11.72
CA ALA B 46 -5.65 17.26 -12.63
C ALA B 46 -6.80 16.57 -11.92
N HIS B 47 -8.00 17.08 -12.14
CA HIS B 47 -9.22 16.43 -11.70
C HIS B 47 -9.28 15.02 -12.29
N VAL B 48 -9.90 14.08 -11.57
CA VAL B 48 -9.91 12.68 -11.96
C VAL B 48 -10.45 12.47 -13.38
N ASP B 49 -9.87 11.52 -14.10
CA ASP B 49 -10.22 11.22 -15.49
C ASP B 49 -10.01 12.41 -16.43
N HIS B 50 -8.94 13.16 -16.21
CA HIS B 50 -8.56 14.26 -17.10
C HIS B 50 -7.22 14.00 -17.77
N GLY B 51 -6.67 12.81 -17.57
CA GLY B 51 -5.50 12.37 -18.32
C GLY B 51 -4.15 12.71 -17.72
N LYS B 52 -4.04 12.76 -16.41
CA LYS B 52 -2.76 13.08 -15.78
C LYS B 52 -1.87 11.85 -15.65
N THR B 53 -2.49 10.68 -15.51
CA THR B 53 -1.75 9.43 -15.47
C THR B 53 -1.25 9.08 -16.86
N THR B 54 -2.09 9.32 -17.86
CA THR B 54 -1.79 8.99 -19.25
C THR B 54 -0.78 9.96 -19.87
N LEU B 55 -0.91 11.25 -19.57
CA LEU B 55 -0.01 12.27 -20.09
C LEU B 55 1.44 12.01 -19.68
N VAL B 56 1.66 11.91 -18.37
CA VAL B 56 2.97 11.59 -17.82
C VAL B 56 3.49 10.27 -18.38
N ASP B 57 2.57 9.37 -18.71
CA ASP B 57 2.92 8.05 -19.22
C ASP B 57 3.49 8.14 -20.64
N LYS B 58 3.09 9.16 -21.38
CA LYS B 58 3.69 9.44 -22.69
C LYS B 58 5.08 10.04 -22.51
N LEU B 59 5.14 11.12 -21.74
CA LEU B 59 6.37 11.85 -21.48
C LEU B 59 7.53 10.94 -21.06
N LEU B 60 7.18 9.86 -20.37
CA LEU B 60 8.12 8.80 -20.02
C LEU B 60 8.56 8.06 -21.29
N GLN B 61 7.56 7.61 -22.03
CA GLN B 61 7.73 6.86 -23.26
C GLN B 61 8.57 7.56 -24.33
N GLN B 62 8.45 8.88 -24.39
CA GLN B 62 9.03 9.65 -25.49
C GLN B 62 10.30 10.38 -25.07
N SER B 63 10.98 9.83 -24.08
CA SER B 63 12.13 10.48 -23.47
C SER B 63 13.38 9.59 -23.51
N GLY B 64 14.46 10.09 -22.92
CA GLY B 64 15.71 9.36 -22.89
C GLY B 64 15.86 8.50 -21.65
N THR B 65 14.86 8.53 -20.77
CA THR B 65 14.90 7.74 -19.55
C THR B 65 14.47 6.31 -19.83
N ILE B 90 -2.36 4.48 -11.70
CA ILE B 90 -1.93 5.33 -10.61
C ILE B 90 -0.48 5.77 -10.77
N LEU B 91 -0.24 7.08 -10.69
CA LEU B 91 1.10 7.62 -10.78
C LEU B 91 1.93 7.27 -9.55
N ALA B 92 3.23 7.46 -9.66
CA ALA B 92 4.09 7.44 -8.48
C ALA B 92 4.03 8.81 -7.84
N LYS B 93 4.34 8.89 -6.56
CA LYS B 93 4.33 10.18 -5.84
C LYS B 93 5.32 11.15 -6.49
N ASN B 94 6.26 10.60 -7.25
CA ASN B 94 7.15 11.40 -8.08
C ASN B 94 7.62 10.61 -9.30
N THR B 95 7.57 11.26 -10.47
CA THR B 95 8.07 10.64 -11.70
C THR B 95 9.25 11.43 -12.24
N ALA B 96 10.39 10.77 -12.38
CA ALA B 96 11.58 11.41 -12.94
C ALA B 96 11.67 11.14 -14.44
N ILE B 97 12.00 12.18 -15.20
CA ILE B 97 12.06 12.06 -16.65
C ILE B 97 13.33 12.69 -17.22
N LYS B 98 13.99 11.98 -18.12
CA LYS B 98 15.18 12.49 -18.77
C LYS B 98 14.88 12.93 -20.21
N TRP B 99 14.96 14.23 -20.45
CA TRP B 99 14.75 14.78 -21.78
C TRP B 99 16.00 15.50 -22.25
N ASN B 100 16.72 14.87 -23.19
CA ASN B 100 18.06 15.28 -23.55
C ASN B 100 18.92 15.31 -22.28
N ASP B 101 19.39 16.49 -21.90
CA ASP B 101 20.18 16.62 -20.69
C ASP B 101 19.43 17.37 -19.60
N TYR B 102 18.11 17.44 -19.72
CA TYR B 102 17.27 17.99 -18.67
C TYR B 102 16.70 16.87 -17.81
N ARG B 103 16.57 17.11 -16.51
CA ARG B 103 15.92 16.16 -15.62
C ARG B 103 14.63 16.77 -15.06
N ILE B 104 13.50 16.19 -15.44
CA ILE B 104 12.20 16.70 -15.03
C ILE B 104 11.58 15.84 -13.93
N ASN B 105 11.37 16.44 -12.76
CA ASN B 105 10.65 15.77 -11.68
C ASN B 105 9.19 16.18 -11.67
N ILE B 106 8.30 15.24 -11.97
CA ILE B 106 6.88 15.50 -11.90
C ILE B 106 6.32 14.93 -10.61
N VAL B 107 6.01 15.82 -9.66
CA VAL B 107 5.50 15.40 -8.36
C VAL B 107 3.98 15.36 -8.37
N ASP B 108 3.43 14.24 -7.93
CA ASP B 108 1.98 14.06 -7.91
C ASP B 108 1.35 14.77 -6.71
N THR B 109 0.15 15.31 -6.92
CA THR B 109 -0.63 15.93 -5.86
C THR B 109 -1.73 14.97 -5.42
N PRO B 110 -2.21 15.10 -4.17
CA PRO B 110 -3.18 14.12 -3.68
C PRO B 110 -4.62 14.36 -4.19
N GLY B 111 -5.57 13.55 -3.70
CA GLY B 111 -6.97 13.62 -4.07
C GLY B 111 -7.65 14.82 -3.44
N HIS B 112 -8.99 14.91 -3.44
CA HIS B 112 -9.56 16.18 -2.93
C HIS B 112 -9.94 16.14 -1.41
N ALA B 113 -9.18 15.42 -0.62
CA ALA B 113 -9.20 15.73 0.80
C ALA B 113 -7.90 16.43 1.20
N ASP B 114 -7.96 17.19 2.29
CA ASP B 114 -6.75 17.65 2.95
C ASP B 114 -6.03 16.43 3.49
N PHE B 115 -5.13 15.86 2.69
CA PHE B 115 -4.38 14.68 3.11
C PHE B 115 -3.32 15.07 4.14
N GLY B 116 -3.73 15.82 5.15
CA GLY B 116 -2.82 16.32 6.16
C GLY B 116 -2.09 17.57 5.73
N GLY B 117 -2.54 18.16 4.62
CA GLY B 117 -1.85 19.30 4.05
C GLY B 117 -0.59 18.87 3.34
N GLU B 118 -0.71 17.84 2.51
CA GLU B 118 0.42 17.37 1.72
C GLU B 118 0.60 18.26 0.49
N VAL B 119 -0.49 18.91 0.09
CA VAL B 119 -0.44 19.91 -0.96
C VAL B 119 0.52 21.02 -0.52
N GLU B 120 0.54 21.28 0.78
CA GLU B 120 1.50 22.22 1.35
C GLU B 120 2.92 21.70 1.24
N ARG B 121 3.07 20.39 1.43
CA ARG B 121 4.37 19.75 1.40
C ARG B 121 4.89 19.59 -0.02
N VAL B 122 4.03 19.17 -0.92
CA VAL B 122 4.38 18.98 -2.32
C VAL B 122 4.84 20.29 -2.97
N MET B 123 4.11 21.37 -2.70
CA MET B 123 4.45 22.67 -3.26
C MET B 123 5.80 23.17 -2.76
N SER B 124 6.18 22.75 -1.55
CA SER B 124 7.43 23.17 -0.95
C SER B 124 8.65 22.58 -1.68
N MET B 125 8.41 21.52 -2.45
CA MET B 125 9.48 20.84 -3.15
C MET B 125 9.60 21.28 -4.61
N VAL B 126 8.54 21.85 -5.16
CA VAL B 126 8.52 22.21 -6.58
C VAL B 126 8.60 23.71 -6.82
N ASP B 127 8.93 24.08 -8.05
CA ASP B 127 9.14 25.48 -8.41
C ASP B 127 8.10 25.96 -9.43
N SER B 128 7.21 25.05 -9.83
CA SER B 128 6.12 25.39 -10.74
C SER B 128 5.03 24.33 -10.65
N VAL B 129 3.89 24.58 -11.30
CA VAL B 129 2.78 23.64 -11.23
C VAL B 129 2.16 23.39 -12.61
N LEU B 130 1.76 22.14 -12.85
CA LEU B 130 1.23 21.73 -14.14
C LEU B 130 -0.25 21.37 -14.05
N LEU B 131 -1.12 22.25 -14.52
CA LEU B 131 -2.56 22.03 -14.44
C LEU B 131 -3.11 21.41 -15.73
N VAL B 132 -3.52 20.15 -15.64
CA VAL B 132 -4.10 19.45 -16.78
C VAL B 132 -5.62 19.62 -16.79
N VAL B 133 -6.16 20.03 -17.94
CA VAL B 133 -7.57 20.34 -18.05
C VAL B 133 -8.21 19.70 -19.29
N ASP B 134 -9.33 19.02 -19.09
CA ASP B 134 -10.06 18.40 -20.20
C ASP B 134 -10.57 19.45 -21.18
N ALA B 135 -10.48 19.14 -22.47
CA ALA B 135 -10.80 20.10 -23.52
C ALA B 135 -12.29 20.40 -23.63
N PHE B 136 -13.13 19.59 -22.98
CA PHE B 136 -14.57 19.84 -23.03
C PHE B 136 -15.14 20.31 -21.70
N ASP B 137 -14.98 19.51 -20.65
CA ASP B 137 -15.53 19.85 -19.34
C ASP B 137 -14.85 21.09 -18.75
N GLY B 138 -13.63 21.35 -19.19
CA GLY B 138 -12.86 22.45 -18.64
C GLY B 138 -12.42 22.16 -17.22
N PRO B 139 -11.94 23.19 -16.51
CA PRO B 139 -11.53 22.98 -15.12
C PRO B 139 -12.73 22.64 -14.24
N MET B 140 -12.52 21.78 -13.25
CA MET B 140 -13.56 21.42 -12.31
C MET B 140 -13.26 22.05 -10.94
N PRO B 141 -14.31 22.48 -10.24
CA PRO B 141 -14.19 23.16 -8.94
C PRO B 141 -13.39 22.38 -7.89
N GLN B 142 -13.23 21.08 -8.07
CA GLN B 142 -12.60 20.22 -7.07
C GLN B 142 -11.10 20.50 -6.91
N THR B 143 -10.47 20.98 -7.98
CA THR B 143 -9.03 21.27 -7.95
C THR B 143 -8.76 22.71 -7.54
N ARG B 144 -9.77 23.35 -6.96
CA ARG B 144 -9.69 24.72 -6.49
C ARG B 144 -8.52 24.95 -5.53
N PHE B 145 -8.58 24.24 -4.40
CA PHE B 145 -7.70 24.51 -3.26
C PHE B 145 -6.26 24.10 -3.52
N VAL B 146 -6.06 23.08 -4.34
CA VAL B 146 -4.71 22.66 -4.70
C VAL B 146 -4.05 23.75 -5.53
N THR B 147 -4.79 24.27 -6.51
CA THR B 147 -4.33 25.39 -7.33
C THR B 147 -4.09 26.62 -6.48
N LYS B 148 -5.00 26.85 -5.52
CA LYS B 148 -4.92 27.98 -4.60
C LYS B 148 -3.59 28.01 -3.86
N LYS B 149 -3.19 26.85 -3.34
CA LYS B 149 -1.98 26.75 -2.52
C LYS B 149 -0.72 26.88 -3.35
N ALA B 150 -0.77 26.41 -4.60
CA ALA B 150 0.35 26.58 -5.52
C ALA B 150 0.58 28.07 -5.75
N PHE B 151 -0.50 28.84 -5.78
CA PHE B 151 -0.41 30.28 -5.95
C PHE B 151 0.08 30.96 -4.67
N ALA B 152 -0.25 30.38 -3.53
CA ALA B 152 0.17 30.90 -2.24
C ALA B 152 1.68 30.74 -2.07
N TYR B 153 2.23 29.69 -2.69
CA TYR B 153 3.66 29.44 -2.65
C TYR B 153 4.36 30.16 -3.80
N GLY B 154 3.62 31.03 -4.47
CA GLY B 154 4.18 31.90 -5.50
C GLY B 154 4.52 31.21 -6.81
N LEU B 155 3.94 30.05 -7.03
CA LEU B 155 4.27 29.26 -8.22
C LEU B 155 3.52 29.74 -9.47
N LYS B 156 4.24 29.83 -10.58
CA LYS B 156 3.68 30.19 -11.87
C LYS B 156 3.23 28.94 -12.62
N PRO B 157 1.97 28.90 -13.07
CA PRO B 157 1.36 27.68 -13.62
C PRO B 157 1.65 27.41 -15.10
N ILE B 158 1.64 26.13 -15.46
CA ILE B 158 1.70 25.71 -16.85
C ILE B 158 0.43 24.92 -17.16
N VAL B 159 -0.40 25.43 -18.05
CA VAL B 159 -1.70 24.82 -18.29
C VAL B 159 -1.72 23.92 -19.52
N VAL B 160 -2.05 22.65 -19.30
CA VAL B 160 -2.21 21.68 -20.37
C VAL B 160 -3.68 21.38 -20.61
N ILE B 161 -4.14 21.62 -21.84
CA ILE B 161 -5.50 21.29 -22.21
C ILE B 161 -5.53 19.97 -22.98
N ASN B 162 -6.02 18.93 -22.32
CA ASN B 162 -5.89 17.57 -22.80
C ASN B 162 -7.16 17.04 -23.47
N LYS B 163 -7.01 15.89 -24.14
CA LYS B 163 -8.11 15.26 -24.87
C LYS B 163 -8.71 16.24 -25.86
N VAL B 164 -7.85 16.96 -26.59
CA VAL B 164 -8.30 18.00 -27.49
C VAL B 164 -8.87 17.40 -28.78
N ASP B 165 -8.72 16.09 -28.94
CA ASP B 165 -9.17 15.40 -30.14
C ASP B 165 -10.55 14.78 -29.98
N ARG B 166 -11.16 14.96 -28.81
CA ARG B 166 -12.50 14.43 -28.56
C ARG B 166 -13.56 15.28 -29.24
N PRO B 167 -14.65 14.66 -29.68
CA PRO B 167 -15.78 15.40 -30.26
C PRO B 167 -16.49 16.24 -29.21
N GLY B 168 -16.71 17.51 -29.52
CA GLY B 168 -17.35 18.43 -28.58
C GLY B 168 -16.34 19.31 -27.89
N ALA B 169 -15.06 19.01 -28.07
CA ALA B 169 -13.98 19.77 -27.45
C ALA B 169 -14.07 21.25 -27.77
N ARG B 170 -13.90 22.08 -26.74
CA ARG B 170 -14.02 23.52 -26.88
C ARG B 170 -12.83 24.24 -26.23
N PRO B 171 -11.65 24.14 -26.86
CA PRO B 171 -10.41 24.70 -26.30
C PRO B 171 -10.48 26.21 -26.09
N ASP B 172 -11.17 26.91 -26.98
CA ASP B 172 -11.38 28.35 -26.83
C ASP B 172 -12.06 28.65 -25.51
N TRP B 173 -13.08 27.86 -25.19
CA TRP B 173 -13.91 28.09 -24.02
C TRP B 173 -13.20 27.75 -22.72
N VAL B 174 -12.48 26.62 -22.71
CA VAL B 174 -11.81 26.17 -21.50
C VAL B 174 -10.62 27.07 -21.15
N VAL B 175 -10.07 27.73 -22.15
CA VAL B 175 -9.00 28.70 -21.93
C VAL B 175 -9.52 29.87 -21.09
N ASP B 176 -10.69 30.37 -21.49
CA ASP B 176 -11.33 31.46 -20.75
C ASP B 176 -11.71 31.01 -19.35
N GLN B 177 -12.26 29.80 -19.24
CA GLN B 177 -12.66 29.23 -17.96
C GLN B 177 -11.49 29.16 -16.99
N VAL B 178 -10.35 28.66 -17.47
CA VAL B 178 -9.16 28.53 -16.64
C VAL B 178 -8.58 29.89 -16.28
N PHE B 179 -8.56 30.81 -17.24
CA PHE B 179 -8.09 32.16 -17.00
C PHE B 179 -8.95 32.84 -15.93
N ASP B 180 -10.26 32.72 -16.07
CA ASP B 180 -11.20 33.29 -15.10
C ASP B 180 -11.07 32.64 -13.73
N LEU B 181 -10.87 31.33 -13.72
CA LEU B 181 -10.69 30.59 -12.47
C LEU B 181 -9.53 31.15 -11.67
N PHE B 182 -8.56 31.74 -12.37
CA PHE B 182 -7.46 32.41 -11.69
C PHE B 182 -7.92 33.74 -11.10
N VAL B 183 -9.12 33.70 -10.54
CA VAL B 183 -9.59 34.77 -9.71
C VAL B 183 -9.28 34.38 -8.28
N ASN B 184 -8.22 33.61 -8.10
CA ASN B 184 -7.75 33.26 -6.77
C ASN B 184 -6.86 34.36 -6.31
N LEU B 185 -7.41 35.55 -6.37
CA LEU B 185 -6.70 36.80 -6.06
C LEU B 185 -5.20 36.69 -6.35
N ASP B 186 -4.83 35.89 -7.34
CA ASP B 186 -3.43 35.61 -7.59
C ASP B 186 -2.79 36.77 -8.34
N ALA B 187 -1.47 36.84 -8.24
CA ALA B 187 -0.70 37.91 -8.85
C ALA B 187 -1.02 38.09 -10.33
N THR B 188 -0.83 39.31 -10.82
CA THR B 188 -0.81 39.53 -12.26
C THR B 188 0.25 38.60 -12.82
N ASP B 189 1.34 38.45 -12.06
CA ASP B 189 2.53 37.66 -12.43
C ASP B 189 2.27 36.17 -12.66
N GLU B 190 1.17 35.65 -12.15
CA GLU B 190 0.88 34.22 -12.31
C GLU B 190 -0.19 34.00 -13.38
N GLN B 191 -1.13 34.92 -13.46
CA GLN B 191 -2.15 34.91 -14.49
C GLN B 191 -1.59 35.60 -15.73
N LEU B 192 -0.47 36.29 -15.55
CA LEU B 192 0.46 36.58 -16.65
C LEU B 192 0.78 35.32 -17.41
N ASP B 193 1.09 35.48 -18.69
CA ASP B 193 1.96 34.58 -19.44
C ASP B 193 2.10 33.13 -18.95
N PHE B 194 1.01 32.57 -18.42
CA PHE B 194 0.99 31.14 -18.20
C PHE B 194 0.83 30.54 -19.59
N PRO B 195 1.81 29.74 -20.02
CA PRO B 195 1.72 29.19 -21.37
C PRO B 195 0.64 28.14 -21.46
N ILE B 196 0.07 27.96 -22.66
CA ILE B 196 -0.99 26.98 -22.85
C ILE B 196 -0.56 25.94 -23.87
N VAL B 197 -0.43 24.70 -23.42
CA VAL B 197 -0.08 23.59 -24.30
C VAL B 197 -1.29 22.70 -24.50
N TYR B 198 -1.61 22.42 -25.76
CA TYR B 198 -2.72 21.55 -26.09
C TYR B 198 -2.22 20.12 -26.28
N ALA B 199 -2.84 19.18 -25.59
CA ALA B 199 -2.35 17.80 -25.59
C ALA B 199 -3.37 16.79 -26.09
N SER B 200 -2.96 16.00 -27.08
CA SER B 200 -3.71 14.82 -27.47
C SER B 200 -2.95 13.60 -26.96
N ALA B 201 -3.16 13.26 -25.70
CA ALA B 201 -2.44 12.17 -25.06
C ALA B 201 -2.81 10.82 -25.68
N LEU B 202 -3.90 10.78 -26.43
CA LEU B 202 -4.30 9.58 -27.16
C LEU B 202 -3.20 9.17 -28.13
N ASN B 203 -2.88 10.06 -29.06
CA ASN B 203 -1.80 9.80 -30.01
C ASN B 203 -0.47 10.29 -29.47
N GLY B 204 -0.50 11.02 -28.35
CA GLY B 204 0.70 11.52 -27.72
C GLY B 204 1.24 12.78 -28.38
N ILE B 205 0.35 13.69 -28.72
CA ILE B 205 0.73 14.91 -29.44
C ILE B 205 0.48 16.17 -28.61
N ALA B 206 1.44 17.09 -28.62
CA ALA B 206 1.28 18.40 -28.00
C ALA B 206 1.47 19.52 -29.01
N GLY B 207 1.08 20.74 -28.64
CA GLY B 207 1.23 21.89 -29.52
C GLY B 207 0.67 23.18 -28.95
N LEU B 208 1.23 24.31 -29.37
CA LEU B 208 0.79 25.62 -28.89
C LEU B 208 -0.56 26.00 -29.50
N ASP B 209 -0.85 25.47 -30.68
CA ASP B 209 -2.18 25.54 -31.25
C ASP B 209 -2.78 24.14 -31.14
N HIS B 210 -4.06 23.97 -31.46
CA HIS B 210 -4.66 22.64 -31.36
C HIS B 210 -5.08 22.09 -32.71
N GLU B 211 -5.08 22.93 -33.73
CA GLU B 211 -5.30 22.46 -35.09
C GLU B 211 -3.95 22.32 -35.79
N ASP B 212 -3.04 23.21 -35.44
CA ASP B 212 -1.62 23.01 -35.69
C ASP B 212 -1.05 22.28 -34.48
N MET B 213 -0.47 21.10 -34.71
CA MET B 213 0.08 20.30 -33.62
C MET B 213 1.35 19.57 -34.08
N ALA B 214 2.29 19.41 -33.16
CA ALA B 214 3.52 18.69 -33.46
C ALA B 214 3.26 17.20 -33.64
N GLU B 215 4.28 16.45 -33.99
CA GLU B 215 4.13 15.01 -34.20
C GLU B 215 4.32 14.24 -32.89
N ASP B 216 4.68 14.96 -31.82
CA ASP B 216 4.88 14.33 -30.52
C ASP B 216 4.71 15.31 -29.35
N MET B 217 5.35 14.99 -28.23
CA MET B 217 5.19 15.74 -26.99
C MET B 217 6.21 16.87 -26.83
N THR B 218 7.11 16.99 -27.78
CA THR B 218 8.21 17.97 -27.73
C THR B 218 7.78 19.40 -27.31
N PRO B 219 6.64 19.91 -27.83
CA PRO B 219 6.23 21.24 -27.35
C PRO B 219 6.01 21.32 -25.83
N LEU B 220 5.49 20.25 -25.23
CA LEU B 220 5.22 20.25 -23.81
C LEU B 220 6.50 20.26 -22.98
N TYR B 221 7.44 19.38 -23.33
CA TYR B 221 8.77 19.37 -22.72
C TYR B 221 9.36 20.77 -22.74
N GLN B 222 9.43 21.33 -23.95
CA GLN B 222 10.01 22.64 -24.19
C GLN B 222 9.38 23.71 -23.30
N ALA B 223 8.06 23.66 -23.18
CA ALA B 223 7.33 24.62 -22.36
C ALA B 223 7.68 24.48 -20.88
N ILE B 224 7.87 23.24 -20.44
CA ILE B 224 8.28 22.97 -19.07
C ILE B 224 9.70 23.48 -18.83
N VAL B 225 10.58 23.24 -19.81
CA VAL B 225 11.95 23.71 -19.73
C VAL B 225 12.01 25.24 -19.76
N ASP B 226 11.20 25.86 -20.62
CA ASP B 226 11.24 27.30 -20.84
C ASP B 226 10.60 28.13 -19.73
N HIS B 227 9.56 27.59 -19.08
CA HIS B 227 8.77 28.40 -18.15
C HIS B 227 8.86 27.98 -16.69
N VAL B 228 9.47 26.83 -16.42
CA VAL B 228 9.72 26.43 -15.05
C VAL B 228 11.12 26.85 -14.63
N PRO B 229 11.22 27.64 -13.54
CA PRO B 229 12.54 28.04 -13.04
C PRO B 229 13.33 26.86 -12.48
N ALA B 230 14.64 26.99 -12.44
CA ALA B 230 15.49 26.01 -11.77
C ALA B 230 15.29 26.14 -10.26
N PRO B 231 15.58 25.07 -9.51
CA PRO B 231 15.48 25.15 -8.05
C PRO B 231 16.37 26.25 -7.45
N ASP B 232 15.81 27.00 -6.51
CA ASP B 232 16.55 28.06 -5.83
C ASP B 232 17.39 27.46 -4.71
N VAL B 233 18.50 26.83 -5.08
CA VAL B 233 19.33 26.10 -4.11
C VAL B 233 20.81 26.42 -4.26
N ASP B 234 21.58 26.14 -3.20
CA ASP B 234 23.02 26.29 -3.24
C ASP B 234 23.70 24.92 -3.23
N LEU B 235 24.51 24.67 -4.25
CA LEU B 235 25.18 23.38 -4.41
C LEU B 235 26.40 23.25 -3.50
N ASP B 236 27.05 24.37 -3.22
CA ASP B 236 28.33 24.36 -2.52
C ASP B 236 28.19 24.37 -1.00
N GLY B 237 27.04 24.82 -0.50
CA GLY B 237 26.82 24.89 0.93
C GLY B 237 26.80 23.53 1.60
N PRO B 238 26.64 23.51 2.92
CA PRO B 238 26.56 22.25 3.68
C PRO B 238 25.22 21.56 3.50
N PHE B 239 25.19 20.24 3.66
CA PHE B 239 23.98 19.47 3.43
C PHE B 239 22.82 19.94 4.29
N GLN B 240 21.71 20.27 3.62
CA GLN B 240 20.48 20.64 4.31
C GLN B 240 19.29 20.14 3.51
N MET B 241 18.45 19.34 4.15
CA MET B 241 17.28 18.79 3.48
C MET B 241 16.16 18.56 4.47
N GLN B 242 14.98 19.08 4.18
CA GLN B 242 13.87 18.92 5.10
C GLN B 242 12.83 17.94 4.55
N ILE B 243 12.37 17.05 5.43
CA ILE B 243 11.45 15.99 5.04
C ILE B 243 10.08 16.57 4.68
N SER B 244 9.62 16.30 3.47
CA SER B 244 8.32 16.77 3.01
C SER B 244 7.32 15.62 2.95
N GLN B 245 7.79 14.45 2.54
CA GLN B 245 6.96 13.26 2.46
C GLN B 245 7.62 12.08 3.15
N LEU B 246 6.81 11.13 3.60
CA LEU B 246 7.33 9.93 4.23
C LEU B 246 6.89 8.68 3.47
N ASP B 247 7.50 7.54 3.81
CA ASP B 247 7.21 6.29 3.14
C ASP B 247 7.80 5.14 3.96
N TYR B 248 7.41 3.91 3.65
CA TYR B 248 7.91 2.76 4.38
C TYR B 248 7.98 1.53 3.49
N ASN B 249 8.90 0.63 3.85
CA ASN B 249 9.07 -0.66 3.21
C ASN B 249 9.75 -1.57 4.22
N SER B 250 9.19 -2.76 4.42
CA SER B 250 9.62 -3.67 5.48
C SER B 250 11.12 -4.00 5.44
N TYR B 251 11.76 -3.70 4.32
CA TYR B 251 13.18 -3.99 4.13
C TYR B 251 14.06 -2.85 4.59
N VAL B 252 13.68 -1.64 4.18
CA VAL B 252 14.50 -0.46 4.34
C VAL B 252 14.27 0.25 5.68
N GLY B 253 13.05 0.20 6.18
CA GLY B 253 12.66 0.97 7.34
C GLY B 253 11.93 2.22 6.90
N VAL B 254 11.93 3.24 7.75
CA VAL B 254 11.25 4.50 7.44
C VAL B 254 11.97 5.25 6.32
N ILE B 255 11.20 5.78 5.38
CA ILE B 255 11.76 6.51 4.24
C ILE B 255 11.42 7.99 4.29
N GLY B 256 12.45 8.84 4.27
CA GLY B 256 12.27 10.27 4.26
C GLY B 256 12.46 10.87 2.88
N ILE B 257 11.51 11.68 2.46
CA ILE B 257 11.52 12.24 1.10
C ILE B 257 11.49 13.76 1.11
N GLY B 258 12.36 14.38 0.33
CA GLY B 258 12.38 15.83 0.20
C GLY B 258 13.19 16.29 -1.00
N ARG B 259 13.28 17.60 -1.16
CA ARG B 259 14.12 18.20 -2.18
C ARG B 259 15.32 18.86 -1.51
N ILE B 260 16.52 18.36 -1.81
CA ILE B 260 17.74 18.84 -1.16
C ILE B 260 17.94 20.34 -1.38
N LYS B 261 17.96 21.08 -0.29
CA LYS B 261 18.05 22.53 -0.31
C LYS B 261 19.48 23.00 -0.49
N ARG B 262 20.41 22.25 0.07
CA ARG B 262 21.81 22.68 0.12
C ARG B 262 22.71 21.46 0.28
N GLY B 263 23.92 21.56 -0.26
CA GLY B 263 24.89 20.49 -0.12
C GLY B 263 24.51 19.20 -0.82
N LYS B 264 25.26 18.15 -0.51
CA LYS B 264 25.10 16.86 -1.17
C LYS B 264 25.08 15.74 -0.13
N VAL B 265 24.53 14.59 -0.49
CA VAL B 265 24.47 13.47 0.45
C VAL B 265 24.93 12.16 -0.17
N LYS B 266 25.72 11.40 0.59
CA LYS B 266 26.16 10.07 0.19
C LYS B 266 25.65 9.05 1.20
N PRO B 267 25.59 7.77 0.82
CA PRO B 267 25.29 6.74 1.82
C PRO B 267 26.32 6.73 2.94
N ASN B 268 25.91 6.32 4.13
CA ASN B 268 26.77 6.22 5.31
C ASN B 268 27.34 7.57 5.78
N GLN B 269 26.89 8.67 5.18
CA GLN B 269 27.29 10.00 5.61
C GLN B 269 26.81 10.23 7.05
N GLN B 270 27.63 10.89 7.85
CA GLN B 270 27.20 11.23 9.21
C GLN B 270 26.36 12.50 9.15
N VAL B 271 25.26 12.51 9.90
CA VAL B 271 24.27 13.57 9.74
C VAL B 271 23.54 13.87 11.05
N THR B 272 22.98 15.08 11.14
CA THR B 272 22.23 15.49 12.32
C THR B 272 20.83 15.95 11.93
N ILE B 273 19.84 15.46 12.66
CA ILE B 273 18.45 15.78 12.37
C ILE B 273 17.86 16.72 13.44
N ILE B 274 17.36 17.87 13.01
CA ILE B 274 16.74 18.82 13.92
C ILE B 274 15.26 19.03 13.57
N ASP B 275 14.40 18.87 14.56
CA ASP B 275 12.96 19.03 14.34
C ASP B 275 12.57 20.51 14.39
N SER B 276 11.27 20.71 14.36
CA SER B 276 10.68 22.00 14.16
C SER B 276 10.70 22.85 15.40
N GLU B 277 11.22 22.31 16.49
CA GLU B 277 11.21 23.03 17.73
C GLU B 277 12.62 23.48 18.00
N GLY B 278 13.52 22.53 17.86
CA GLY B 278 14.93 22.68 18.13
C GLY B 278 15.64 21.59 18.91
N LYS B 279 15.08 20.38 18.86
CA LYS B 279 15.75 19.21 19.39
C LYS B 279 16.56 18.55 18.28
N THR B 280 17.68 17.93 18.64
CA THR B 280 18.52 17.30 17.64
C THR B 280 18.91 15.87 18.01
N ARG B 281 19.21 15.09 16.99
CA ARG B 281 19.79 13.76 17.17
C ARG B 281 20.79 13.51 16.05
N ASN B 282 21.72 12.59 16.28
CA ASN B 282 22.64 12.19 15.23
C ASN B 282 22.21 10.86 14.63
N ALA B 283 22.48 10.70 13.34
CA ALA B 283 22.15 9.46 12.65
C ALA B 283 23.09 9.25 11.48
N LYS B 284 23.15 8.02 10.98
CA LYS B 284 23.94 7.72 9.80
C LYS B 284 22.99 7.29 8.69
N VAL B 285 22.98 8.04 7.59
CA VAL B 285 22.13 7.71 6.45
C VAL B 285 22.52 6.33 5.94
N GLY B 286 21.52 5.52 5.63
CA GLY B 286 21.77 4.16 5.16
C GLY B 286 21.88 4.15 3.66
N LYS B 287 20.77 4.47 2.99
CA LYS B 287 20.73 4.47 1.54
C LYS B 287 20.18 5.80 1.01
N VAL B 288 20.77 6.28 -0.07
CA VAL B 288 20.27 7.47 -0.74
C VAL B 288 19.61 7.05 -2.05
N LEU B 289 18.28 7.10 -2.08
CA LEU B 289 17.53 6.63 -3.24
C LEU B 289 17.10 7.78 -4.15
N GLY B 290 17.56 7.76 -5.39
CA GLY B 290 17.13 8.73 -6.38
C GLY B 290 16.02 8.15 -7.24
N HIS B 291 15.17 9.03 -7.77
CA HIS B 291 14.07 8.59 -8.63
C HIS B 291 14.50 8.56 -10.09
N LEU B 292 14.02 7.56 -10.84
CA LEU B 292 14.43 7.40 -12.23
C LEU B 292 13.24 7.31 -13.19
N GLY B 293 12.38 6.31 -12.99
CA GLY B 293 11.17 6.19 -13.79
C GLY B 293 9.97 6.45 -12.91
N LEU B 294 9.33 5.37 -12.45
CA LEU B 294 8.43 5.43 -11.31
C LEU B 294 9.13 4.65 -10.20
N GLU B 295 10.45 4.61 -10.30
CA GLU B 295 11.27 3.76 -9.45
C GLU B 295 12.27 4.56 -8.63
N ARG B 296 12.84 3.89 -7.63
CA ARG B 296 13.94 4.45 -6.86
C ARG B 296 15.15 3.52 -6.93
N ILE B 297 16.27 4.05 -7.41
CA ILE B 297 17.51 3.31 -7.42
C ILE B 297 18.45 3.88 -6.36
N GLU B 298 19.30 3.02 -5.80
CA GLU B 298 20.28 3.49 -4.84
C GLU B 298 21.37 4.29 -5.54
N THR B 299 21.63 5.49 -5.07
CA THR B 299 22.65 6.33 -5.65
C THR B 299 23.81 6.50 -4.68
N ASP B 300 25.00 6.75 -5.22
CA ASP B 300 26.16 7.05 -4.40
C ASP B 300 26.15 8.53 -4.02
N LEU B 301 25.42 9.33 -4.78
CA LEU B 301 25.42 10.77 -4.56
C LEU B 301 24.16 11.47 -5.05
N ALA B 302 23.56 12.27 -4.19
CA ALA B 302 22.49 13.18 -4.57
C ALA B 302 22.85 14.57 -4.07
N GLU B 303 22.54 15.59 -4.85
CA GLU B 303 22.90 16.95 -4.47
C GLU B 303 21.72 17.93 -4.59
N ALA B 304 21.98 19.19 -4.28
CA ALA B 304 20.93 20.21 -4.19
C ALA B 304 20.04 20.27 -5.42
N GLY B 305 18.73 20.32 -5.19
CA GLY B 305 17.77 20.35 -6.27
C GLY B 305 17.18 18.99 -6.56
N ASP B 306 17.96 17.95 -6.29
CA ASP B 306 17.49 16.58 -6.46
C ASP B 306 16.38 16.27 -5.48
N ILE B 307 15.35 15.57 -5.95
CA ILE B 307 14.32 15.06 -5.07
C ILE B 307 14.57 13.58 -4.82
N VAL B 308 14.95 13.24 -3.59
CA VAL B 308 15.33 11.87 -3.28
C VAL B 308 14.66 11.32 -2.03
N ALA B 309 14.90 10.04 -1.77
CA ALA B 309 14.42 9.38 -0.57
C ALA B 309 15.60 8.91 0.28
N ILE B 310 15.53 9.14 1.58
CA ILE B 310 16.63 8.79 2.48
C ILE B 310 16.17 7.72 3.48
N THR B 311 17.11 6.87 3.89
CA THR B 311 16.80 5.53 4.37
C THR B 311 17.18 5.19 5.81
N GLY B 312 18.41 5.50 6.19
CA GLY B 312 18.96 4.97 7.43
C GLY B 312 18.58 5.71 8.69
N LEU B 313 17.88 6.82 8.53
CA LEU B 313 17.48 7.64 9.67
C LEU B 313 16.28 7.00 10.37
N GLY B 314 16.04 7.41 11.62
CA GLY B 314 15.01 6.80 12.43
C GLY B 314 13.60 7.21 12.10
N GLU B 315 12.82 7.51 13.13
CA GLU B 315 11.45 7.99 12.95
C GLU B 315 11.45 9.43 12.45
N LEU B 316 11.69 9.59 11.16
CA LEU B 316 11.64 10.92 10.55
C LEU B 316 10.24 11.48 10.61
N ASN B 317 10.13 12.73 11.03
CA ASN B 317 8.86 13.43 11.04
C ASN B 317 8.87 14.52 9.96
N ILE B 318 7.73 14.74 9.32
CA ILE B 318 7.63 15.79 8.33
C ILE B 318 7.97 17.12 9.01
N SER B 319 8.77 17.93 8.30
CA SER B 319 9.35 19.20 8.77
C SER B 319 10.64 19.01 9.58
N ASP B 320 11.10 17.76 9.70
CA ASP B 320 12.45 17.51 10.19
C ASP B 320 13.42 18.01 9.15
N THR B 321 14.54 18.57 9.58
CA THR B 321 15.56 19.02 8.65
C THR B 321 16.85 18.21 8.84
N VAL B 322 17.29 17.55 7.77
CA VAL B 322 18.48 16.71 7.82
C VAL B 322 19.71 17.53 7.45
N CYS B 323 20.61 17.71 8.41
CA CYS B 323 21.74 18.62 8.23
C CYS B 323 23.09 17.98 8.48
N ASP B 324 24.09 18.44 7.72
CA ASP B 324 25.48 18.09 7.96
C ASP B 324 25.83 18.34 9.43
N THR B 325 26.49 17.38 10.06
CA THR B 325 26.74 17.41 11.50
C THR B 325 27.45 18.67 11.99
N GLN B 326 28.05 19.40 11.08
CA GLN B 326 28.86 20.56 11.45
C GLN B 326 28.15 21.89 11.15
N ASN B 327 27.09 21.82 10.33
CA ASN B 327 26.28 23.00 10.04
C ASN B 327 24.79 22.73 10.22
N VAL B 328 24.35 22.62 11.48
CA VAL B 328 22.96 22.28 11.78
C VAL B 328 22.03 23.49 11.78
N GLU B 329 21.22 23.62 10.73
CA GLU B 329 20.25 24.70 10.65
C GLU B 329 18.91 24.19 10.09
N ALA B 330 17.84 24.44 10.84
CA ALA B 330 16.53 23.92 10.48
C ALA B 330 15.83 24.80 9.45
N LEU B 331 15.28 24.18 8.42
CA LEU B 331 14.44 24.88 7.46
C LEU B 331 13.09 25.20 8.12
N PRO B 332 12.55 26.40 7.84
CA PRO B 332 11.32 26.85 8.48
C PRO B 332 10.13 25.94 8.24
N ALA B 333 9.41 25.60 9.30
CA ALA B 333 8.18 24.82 9.18
C ALA B 333 7.21 25.55 8.25
N LEU B 334 6.38 24.79 7.57
CA LEU B 334 5.71 25.25 6.36
C LEU B 334 4.40 25.99 6.55
N SER B 335 3.37 25.19 6.76
CA SER B 335 2.01 25.57 6.43
C SER B 335 1.15 25.94 7.61
N VAL B 336 0.33 26.96 7.42
CA VAL B 336 -0.66 27.30 8.43
C VAL B 336 -1.99 27.64 7.77
N ASP B 337 -2.86 26.64 7.69
CA ASP B 337 -4.25 26.87 7.37
C ASP B 337 -4.93 27.30 8.66
N GLU B 338 -4.97 28.60 8.91
CA GLU B 338 -5.67 29.12 10.08
C GLU B 338 -7.16 28.87 9.91
N PRO B 339 -7.81 28.39 10.98
CA PRO B 339 -9.26 28.15 10.92
C PRO B 339 -10.04 29.45 10.90
N THR B 340 -11.25 29.41 10.33
CA THR B 340 -12.06 30.62 10.17
C THR B 340 -13.48 30.45 10.71
N VAL B 341 -13.85 29.22 11.05
CA VAL B 341 -15.19 28.94 11.54
C VAL B 341 -15.15 28.04 12.78
N SER B 342 -15.55 28.59 13.92
CA SER B 342 -15.57 27.83 15.16
C SER B 342 -16.95 27.25 15.43
N MET B 343 -17.03 26.33 16.39
CA MET B 343 -18.19 25.47 16.56
C MET B 343 -18.00 24.59 17.80
N PHE B 344 -19.02 24.52 18.66
CA PHE B 344 -18.88 23.83 19.94
C PHE B 344 -19.37 22.37 19.91
N PHE B 345 -18.47 21.45 20.25
CA PHE B 345 -18.84 20.04 20.45
C PHE B 345 -19.10 19.80 21.93
N CYS B 346 -20.19 19.13 22.25
CA CYS B 346 -20.60 18.95 23.65
C CYS B 346 -21.02 17.51 23.95
N VAL B 347 -21.02 17.14 25.23
CA VAL B 347 -21.60 15.87 25.63
C VAL B 347 -23.12 15.98 25.50
N ASN B 348 -23.79 14.86 25.25
CA ASN B 348 -25.24 14.90 25.07
C ASN B 348 -25.96 15.00 26.41
N THR B 349 -26.30 16.23 26.78
CA THR B 349 -26.88 16.56 28.09
C THR B 349 -28.34 16.11 28.18
N SER B 350 -28.92 15.77 27.03
CA SER B 350 -30.31 15.32 26.93
C SER B 350 -30.69 14.16 27.85
N PRO B 351 -31.99 14.04 28.17
CA PRO B 351 -32.59 12.85 28.79
C PRO B 351 -32.46 11.62 27.89
N PHE B 352 -31.99 11.82 26.66
CA PHE B 352 -31.59 10.72 25.79
C PHE B 352 -30.07 10.65 25.75
N CYS B 353 -29.45 10.29 26.88
CA CYS B 353 -28.00 10.21 26.94
C CYS B 353 -27.50 9.03 26.12
N GLY B 354 -27.44 7.86 26.75
CA GLY B 354 -27.09 6.65 26.04
C GLY B 354 -28.34 5.93 25.56
N LYS B 355 -28.78 6.29 24.36
CA LYS B 355 -30.00 5.71 23.80
C LYS B 355 -29.72 4.92 22.52
N GLU B 356 -28.92 5.51 21.63
CA GLU B 356 -28.61 4.87 20.36
C GLU B 356 -27.12 4.99 20.03
N GLY B 357 -26.33 5.49 20.98
CA GLY B 357 -24.92 5.74 20.75
C GLY B 357 -24.01 5.19 21.82
N LYS B 358 -22.92 4.58 21.38
CA LYS B 358 -22.01 3.86 22.26
C LYS B 358 -21.22 4.80 23.19
N PHE B 359 -20.16 5.39 22.67
CA PHE B 359 -19.28 6.25 23.47
C PHE B 359 -19.79 7.69 23.48
N VAL B 360 -20.21 8.17 24.65
CA VAL B 360 -20.87 9.46 24.77
C VAL B 360 -20.32 10.33 25.90
N THR B 361 -19.05 10.15 26.23
CA THR B 361 -18.49 10.73 27.46
C THR B 361 -17.73 12.04 27.23
N SER B 362 -17.25 12.63 28.33
CA SER B 362 -16.55 13.91 28.31
C SER B 362 -15.17 13.81 27.63
N ARG B 363 -14.36 12.86 28.08
CA ARG B 363 -13.03 12.65 27.51
C ARG B 363 -13.14 11.86 26.21
N GLN B 364 -14.04 10.88 26.19
CA GLN B 364 -14.21 10.04 25.00
C GLN B 364 -14.67 10.86 23.80
N ILE B 365 -14.99 12.13 24.06
CA ILE B 365 -15.13 13.14 23.01
C ILE B 365 -13.79 13.87 22.84
N LEU B 366 -13.18 14.24 23.96
CA LEU B 366 -11.88 14.94 23.98
C LEU B 366 -10.77 14.05 23.44
N ASP B 367 -10.81 12.77 23.78
CA ASP B 367 -9.85 11.80 23.24
C ASP B 367 -9.89 11.87 21.71
N ARG B 368 -11.12 11.65 21.20
CA ARG B 368 -11.43 11.73 19.75
C ARG B 368 -11.61 13.25 19.38
N LEU B 369 -10.87 14.10 20.11
CA LEU B 369 -10.61 15.52 19.82
C LEU B 369 -9.12 15.79 19.83
N ASN B 370 -8.36 14.72 20.05
CA ASN B 370 -6.92 14.71 19.84
C ASN B 370 -6.77 13.53 18.87
N LYS B 371 -7.90 13.38 18.21
CA LYS B 371 -8.20 12.70 16.96
C LYS B 371 -7.42 12.91 15.66
N GLU B 372 -7.76 14.09 15.13
CA GLU B 372 -7.99 14.48 13.74
C GLU B 372 -7.24 15.77 13.73
N LEU B 373 -6.63 15.99 14.89
CA LEU B 373 -5.73 17.11 15.09
C LEU B 373 -4.66 17.02 14.01
N VAL B 374 -4.27 15.80 13.68
CA VAL B 374 -3.12 15.60 12.81
C VAL B 374 -3.46 15.08 11.41
N HIS B 375 -4.69 14.65 11.16
CA HIS B 375 -5.09 14.33 9.79
C HIS B 375 -5.58 15.61 9.10
N ASN B 376 -5.43 16.73 9.81
CA ASN B 376 -5.72 18.06 9.29
C ASN B 376 -5.37 19.12 10.35
N VAL B 377 -4.49 20.05 10.01
CA VAL B 377 -4.13 21.10 10.94
C VAL B 377 -4.81 22.41 10.54
N ALA B 378 -5.79 22.31 9.66
CA ALA B 378 -6.70 23.41 9.41
C ALA B 378 -7.55 23.60 10.66
N LEU B 379 -7.74 22.49 11.37
CA LEU B 379 -8.56 22.44 12.57
C LEU B 379 -7.78 22.74 13.84
N ARG B 380 -8.49 23.20 14.86
CA ARG B 380 -7.95 23.33 16.20
C ARG B 380 -8.95 22.75 17.19
N VAL B 381 -8.50 22.52 18.43
CA VAL B 381 -9.38 22.08 19.52
C VAL B 381 -8.99 22.85 20.78
N GLU B 382 -9.99 23.28 21.56
CA GLU B 382 -9.70 24.01 22.78
C GLU B 382 -10.51 23.50 23.97
N GLU B 383 -10.01 23.76 25.17
CA GLU B 383 -10.69 23.37 26.39
C GLU B 383 -11.53 24.52 26.92
N THR B 384 -12.84 24.31 26.97
CA THR B 384 -13.74 25.31 27.53
C THR B 384 -13.85 25.09 29.03
N GLU B 385 -14.48 26.05 29.71
CA GLU B 385 -14.58 26.03 31.16
C GLU B 385 -15.67 25.07 31.60
N ASP B 386 -16.74 25.01 30.83
CA ASP B 386 -17.67 23.90 30.91
C ASP B 386 -16.86 22.68 30.47
N ALA B 387 -16.62 21.76 31.41
CA ALA B 387 -15.74 20.62 31.15
C ALA B 387 -16.45 19.52 30.35
N ASP B 388 -17.56 19.87 29.71
CA ASP B 388 -18.33 18.92 28.92
C ASP B 388 -18.61 19.43 27.51
N ALA B 389 -17.97 20.53 27.15
CA ALA B 389 -18.13 21.13 25.83
C ALA B 389 -16.79 21.66 25.32
N PHE B 390 -16.58 21.64 24.00
CA PHE B 390 -15.28 22.01 23.46
C PHE B 390 -15.34 22.88 22.22
N ARG B 391 -14.38 23.80 22.11
CA ARG B 391 -14.37 24.81 21.07
C ARG B 391 -13.58 24.36 19.86
N VAL B 392 -14.30 23.86 18.87
CA VAL B 392 -13.70 23.27 17.69
C VAL B 392 -13.62 24.28 16.54
N SER B 393 -12.48 24.32 15.85
CA SER B 393 -12.30 25.25 14.74
C SER B 393 -11.94 24.54 13.45
N GLY B 394 -12.33 25.13 12.32
CA GLY B 394 -12.05 24.55 11.01
C GLY B 394 -11.97 25.59 9.89
N ARG B 395 -11.78 25.11 8.67
CA ARG B 395 -11.71 26.00 7.51
C ARG B 395 -13.10 26.55 7.21
N GLY B 396 -14.03 25.67 6.90
CA GLY B 396 -15.38 26.10 6.58
C GLY B 396 -16.36 25.22 7.34
N GLU B 397 -17.63 25.56 7.28
CA GLU B 397 -18.65 24.75 7.92
C GLU B 397 -18.68 23.33 7.33
N LEU B 398 -18.23 23.19 6.10
CA LEU B 398 -18.35 21.92 5.37
C LEU B 398 -17.41 20.84 5.90
N HIS B 399 -16.24 21.23 6.39
CA HIS B 399 -15.29 20.24 6.87
C HIS B 399 -15.61 19.84 8.31
N LEU B 400 -16.05 20.81 9.10
CA LEU B 400 -16.48 20.51 10.47
C LEU B 400 -17.72 19.62 10.43
N SER B 401 -18.59 19.89 9.47
CA SER B 401 -19.83 19.14 9.28
C SER B 401 -19.61 17.63 9.13
N VAL B 402 -18.85 17.24 8.11
CA VAL B 402 -18.69 15.82 7.78
C VAL B 402 -17.85 15.08 8.82
N LEU B 403 -17.10 15.82 9.62
CA LEU B 403 -16.37 15.25 10.75
C LEU B 403 -17.36 14.61 11.70
N ILE B 404 -18.48 15.29 11.91
CA ILE B 404 -19.55 14.75 12.72
C ILE B 404 -20.20 13.56 12.02
N GLU B 405 -20.50 13.68 10.73
CA GLU B 405 -21.29 12.66 10.01
C GLU B 405 -20.72 11.22 10.08
N ASN B 406 -19.42 11.07 10.36
CA ASN B 406 -18.89 9.78 10.83
C ASN B 406 -18.03 10.02 12.08
N MET B 407 -18.41 11.01 12.88
CA MET B 407 -18.31 10.84 14.32
C MET B 407 -19.56 10.06 14.62
N ARG B 408 -20.58 10.34 13.80
CA ARG B 408 -21.88 9.67 13.83
C ARG B 408 -21.77 8.17 13.60
N ARG B 409 -21.36 7.79 12.39
CA ARG B 409 -21.20 6.41 11.98
C ARG B 409 -20.12 5.71 12.79
N GLU B 410 -19.24 6.51 13.38
CA GLU B 410 -18.18 6.03 14.24
C GLU B 410 -18.76 5.60 15.58
N GLY B 411 -20.04 5.89 15.77
CA GLY B 411 -20.74 5.49 16.97
C GLY B 411 -20.57 6.39 18.16
N PHE B 412 -20.66 7.69 17.90
CA PHE B 412 -20.65 8.71 18.94
C PHE B 412 -22.08 9.21 19.14
N GLU B 413 -22.27 10.18 20.04
CA GLU B 413 -23.49 10.97 20.15
C GLU B 413 -23.17 12.26 20.93
N LEU B 414 -23.09 13.39 20.23
CA LEU B 414 -22.72 14.67 20.87
C LEU B 414 -23.68 15.84 20.56
N ALA B 415 -23.64 16.90 21.39
CA ALA B 415 -24.40 18.12 21.11
C ALA B 415 -23.50 19.18 20.48
N VAL B 416 -24.01 19.87 19.46
CA VAL B 416 -23.21 20.86 18.75
C VAL B 416 -23.96 22.18 18.50
N SER B 417 -23.29 23.29 18.72
CA SER B 417 -23.87 24.61 18.47
C SER B 417 -23.88 24.96 16.99
N ARG B 418 -24.22 26.20 16.68
CA ARG B 418 -24.17 26.68 15.30
C ARG B 418 -22.81 27.31 15.03
N PRO B 419 -22.33 27.23 13.78
CA PRO B 419 -20.98 27.72 13.48
C PRO B 419 -20.93 29.24 13.39
N LYS B 420 -19.94 29.83 14.06
CA LYS B 420 -19.71 31.26 13.98
C LYS B 420 -18.32 31.52 13.44
N VAL B 421 -18.14 32.66 12.78
CA VAL B 421 -16.84 33.02 12.25
C VAL B 421 -15.90 33.42 13.38
N ILE B 422 -14.63 33.07 13.23
CA ILE B 422 -13.61 33.54 14.18
C ILE B 422 -13.21 34.96 13.82
N PHE B 423 -13.50 35.90 14.71
CA PHE B 423 -13.08 37.27 14.53
C PHE B 423 -11.60 37.40 14.90
N ARG B 424 -10.97 38.44 14.40
CA ARG B 424 -9.57 38.71 14.72
C ARG B 424 -9.30 40.20 14.72
N GLU B 425 -8.44 40.64 15.64
CA GLU B 425 -8.09 42.04 15.74
C GLU B 425 -6.72 42.30 15.15
N ILE B 426 -6.68 43.16 14.14
CA ILE B 426 -5.43 43.52 13.49
C ILE B 426 -5.34 45.04 13.39
N ASP B 427 -4.39 45.60 14.14
CA ASP B 427 -4.14 47.05 14.21
C ASP B 427 -5.27 47.82 14.89
N GLY B 428 -5.81 47.27 15.98
CA GLY B 428 -6.91 47.91 16.68
C GLY B 428 -8.23 47.70 15.97
N ARG B 429 -8.14 47.32 14.70
CA ARG B 429 -9.30 47.07 13.87
C ARG B 429 -9.69 45.60 14.00
N LYS B 430 -10.94 45.35 14.36
CA LYS B 430 -11.46 43.99 14.33
C LYS B 430 -11.80 43.62 12.89
N GLN B 431 -11.40 42.42 12.46
CA GLN B 431 -11.71 41.96 11.10
C GLN B 431 -12.36 40.58 11.10
N GLU B 432 -12.89 40.19 9.94
CA GLU B 432 -13.56 38.91 9.77
C GLU B 432 -13.21 38.31 8.40
N PRO B 433 -13.41 36.99 8.25
CA PRO B 433 -13.06 36.33 6.98
C PRO B 433 -14.07 36.58 5.85
N TYR B 434 -13.59 37.13 4.74
CA TYR B 434 -14.37 37.24 3.51
C TYR B 434 -13.92 36.14 2.57
N GLU B 435 -14.80 35.69 1.68
CA GLU B 435 -14.42 34.65 0.73
C GLU B 435 -15.10 34.78 -0.64
N ASN B 436 -14.52 34.11 -1.62
CA ASN B 436 -14.99 34.16 -3.00
C ASN B 436 -16.04 33.11 -3.31
N VAL B 437 -17.23 33.54 -3.70
CA VAL B 437 -18.30 32.62 -4.05
C VAL B 437 -18.70 32.74 -5.52
N THR B 438 -18.69 31.60 -6.21
CA THR B 438 -19.13 31.54 -7.60
C THR B 438 -20.35 30.62 -7.69
N LEU B 439 -21.43 31.13 -8.25
CA LEU B 439 -22.69 30.40 -8.29
C LEU B 439 -23.17 30.16 -9.72
N ASP B 440 -23.68 28.97 -9.99
CA ASP B 440 -24.23 28.66 -11.31
C ASP B 440 -25.69 28.24 -11.19
N VAL B 441 -26.59 29.17 -11.49
CA VAL B 441 -28.03 28.91 -11.47
C VAL B 441 -28.60 28.99 -12.88
N GLU B 442 -29.90 28.82 -12.99
CA GLU B 442 -30.59 29.17 -14.23
C GLU B 442 -31.10 30.59 -14.10
N GLU B 443 -31.74 31.10 -15.14
CA GLU B 443 -32.07 32.52 -15.17
C GLU B 443 -33.40 32.86 -14.49
N GLN B 444 -34.13 31.83 -14.07
CA GLN B 444 -35.38 32.03 -13.35
C GLN B 444 -35.11 32.36 -11.88
N HIS B 445 -33.94 31.95 -11.38
CA HIS B 445 -33.59 32.16 -9.98
C HIS B 445 -32.64 33.33 -9.77
N GLN B 446 -32.05 33.84 -10.85
CA GLN B 446 -30.92 34.76 -10.72
C GLN B 446 -31.33 36.07 -10.04
N GLY B 447 -32.57 36.52 -10.27
CA GLY B 447 -33.07 37.69 -9.57
C GLY B 447 -33.32 37.38 -8.11
N SER B 448 -33.57 36.11 -7.82
CA SER B 448 -33.89 35.66 -6.47
C SER B 448 -32.63 35.48 -5.62
N VAL B 449 -31.65 34.76 -6.14
CA VAL B 449 -30.43 34.49 -5.39
C VAL B 449 -29.55 35.75 -5.30
N MET B 450 -29.70 36.66 -6.26
CA MET B 450 -28.99 37.93 -6.23
C MET B 450 -29.51 38.78 -5.07
N GLN B 451 -30.83 38.77 -4.91
CA GLN B 451 -31.49 39.51 -3.84
C GLN B 451 -31.11 38.94 -2.47
N ALA B 452 -31.04 37.61 -2.40
CA ALA B 452 -30.73 36.92 -1.16
C ALA B 452 -29.30 37.22 -0.68
N LEU B 453 -28.34 37.05 -1.57
CA LEU B 453 -26.93 37.25 -1.24
C LEU B 453 -26.64 38.69 -0.81
N GLY B 454 -27.40 39.64 -1.36
CA GLY B 454 -27.19 41.05 -1.09
C GLY B 454 -27.52 41.50 0.32
N GLU B 455 -28.41 40.79 0.99
CA GLU B 455 -28.77 41.08 2.38
C GLU B 455 -27.96 40.23 3.35
N ARG B 456 -27.20 39.27 2.81
CA ARG B 456 -26.19 38.57 3.58
C ARG B 456 -24.84 39.24 3.33
N LYS B 457 -24.91 40.51 2.95
CA LYS B 457 -23.75 41.37 2.74
C LYS B 457 -22.83 40.87 1.63
N GLY B 458 -23.42 40.31 0.58
CA GLY B 458 -22.66 39.87 -0.58
C GLY B 458 -22.49 40.99 -1.59
N ASP B 459 -21.25 41.27 -1.96
CA ASP B 459 -20.96 42.29 -2.96
C ASP B 459 -20.67 41.66 -4.32
N LEU B 460 -21.57 41.93 -5.27
CA LEU B 460 -21.47 41.38 -6.62
C LEU B 460 -20.21 41.89 -7.34
N LYS B 461 -19.48 40.98 -7.96
CA LYS B 461 -18.24 41.34 -8.65
C LYS B 461 -18.31 41.07 -10.15
N ASN B 462 -19.08 40.05 -10.52
CA ASN B 462 -19.15 39.63 -11.92
C ASN B 462 -20.33 38.71 -12.18
N MET B 463 -20.85 38.75 -13.41
CA MET B 463 -21.86 37.80 -13.85
C MET B 463 -21.66 37.47 -15.32
N ASN B 464 -22.00 36.24 -15.70
CA ASN B 464 -21.73 35.76 -17.04
C ASN B 464 -22.77 34.74 -17.51
N PRO B 465 -23.77 35.20 -18.27
CA PRO B 465 -24.80 34.32 -18.84
C PRO B 465 -24.19 33.17 -19.64
N ASP B 466 -24.84 32.01 -19.58
CA ASP B 466 -24.36 30.81 -20.25
C ASP B 466 -24.66 30.87 -21.75
N GLY B 467 -25.67 31.66 -22.11
CA GLY B 467 -26.17 31.70 -23.47
C GLY B 467 -27.19 30.60 -23.68
N LYS B 468 -27.09 29.56 -22.88
CA LYS B 468 -27.97 28.40 -22.97
C LYS B 468 -28.92 28.30 -21.78
N GLY B 469 -29.29 29.45 -21.21
CA GLY B 469 -30.32 29.48 -20.19
C GLY B 469 -29.83 29.47 -18.75
N ARG B 470 -28.53 29.32 -18.55
CA ARG B 470 -27.96 29.38 -17.21
C ARG B 470 -27.10 30.65 -17.07
N VAL B 471 -26.52 30.84 -15.89
CA VAL B 471 -25.69 32.01 -15.63
C VAL B 471 -24.77 31.77 -14.45
N ARG B 472 -23.57 32.32 -14.50
CA ARG B 472 -22.63 32.23 -13.39
C ARG B 472 -22.41 33.59 -12.73
N LEU B 473 -22.56 33.63 -11.41
CA LEU B 473 -22.38 34.86 -10.64
C LEU B 473 -21.16 34.76 -9.75
N ASP B 474 -20.48 35.88 -9.55
CA ASP B 474 -19.31 35.92 -8.67
C ASP B 474 -19.51 36.93 -7.54
N TYR B 475 -19.08 36.57 -6.34
CA TYR B 475 -19.34 37.40 -5.17
C TYR B 475 -18.16 37.46 -4.19
N VAL B 476 -18.02 38.61 -3.55
CA VAL B 476 -17.15 38.73 -2.37
C VAL B 476 -18.05 38.88 -1.15
N ILE B 477 -18.01 37.90 -0.27
CA ILE B 477 -18.93 37.83 0.86
C ILE B 477 -18.18 37.46 2.14
N PRO B 478 -18.54 38.10 3.27
CA PRO B 478 -18.00 37.60 4.53
C PRO B 478 -18.52 36.19 4.80
N SER B 479 -17.71 35.35 5.42
CA SER B 479 -18.14 33.99 5.77
C SER B 479 -19.39 34.04 6.64
N ARG B 480 -19.48 35.09 7.44
CA ARG B 480 -20.62 35.36 8.30
C ARG B 480 -21.95 35.31 7.55
N GLY B 481 -21.99 35.93 6.38
CA GLY B 481 -23.21 35.99 5.59
C GLY B 481 -23.47 34.75 4.75
N LEU B 482 -22.45 33.91 4.58
CA LEU B 482 -22.58 32.73 3.74
C LEU B 482 -22.97 31.49 4.55
N ILE B 483 -22.80 31.58 5.88
CA ILE B 483 -23.07 30.44 6.76
C ILE B 483 -24.50 29.91 6.62
N GLY B 484 -24.61 28.66 6.20
CA GLY B 484 -25.89 27.99 6.10
C GLY B 484 -26.75 28.45 4.94
N PHE B 485 -26.11 28.91 3.87
CA PHE B 485 -26.85 29.38 2.70
C PHE B 485 -27.33 28.22 1.85
N ARG B 486 -26.50 27.17 1.75
CA ARG B 486 -26.71 26.05 0.84
C ARG B 486 -28.14 25.49 0.88
N SER B 487 -28.69 25.36 2.08
CA SER B 487 -30.08 24.90 2.23
C SER B 487 -31.04 25.90 1.59
N GLU B 488 -30.87 27.17 1.92
CA GLU B 488 -31.68 28.22 1.33
C GLU B 488 -31.43 28.31 -0.17
N PHE B 489 -30.24 27.92 -0.61
CA PHE B 489 -29.88 27.98 -2.02
C PHE B 489 -30.60 26.92 -2.85
N MET B 490 -30.50 25.66 -2.41
CA MET B 490 -30.98 24.52 -3.18
C MET B 490 -32.48 24.58 -3.45
N THR B 491 -33.29 24.61 -2.39
CA THR B 491 -34.74 24.69 -2.54
C THR B 491 -35.15 25.89 -3.38
N MET B 492 -34.47 27.00 -3.16
CA MET B 492 -34.63 28.23 -3.94
C MET B 492 -34.42 27.96 -5.43
N THR B 493 -33.31 27.34 -5.76
CA THR B 493 -32.98 27.02 -7.14
C THR B 493 -33.57 25.67 -7.54
N SER B 494 -34.37 25.10 -6.65
CA SER B 494 -35.07 23.83 -6.89
C SER B 494 -34.10 22.68 -7.18
N GLY B 495 -32.89 22.77 -6.64
CA GLY B 495 -31.93 21.69 -6.72
C GLY B 495 -31.03 21.66 -7.94
N THR B 496 -31.16 22.65 -8.82
CA THR B 496 -30.39 22.66 -10.06
C THR B 496 -29.15 23.54 -9.95
N GLY B 497 -29.20 24.55 -9.09
CA GLY B 497 -28.11 25.51 -8.97
C GLY B 497 -26.89 24.92 -8.30
N LEU B 498 -25.74 25.53 -8.56
CA LEU B 498 -24.48 25.09 -7.97
C LEU B 498 -23.76 26.24 -7.30
N LEU B 499 -23.08 25.95 -6.20
CA LEU B 499 -22.38 26.97 -5.43
C LEU B 499 -21.01 26.48 -4.98
N TYR B 500 -20.00 27.33 -5.13
CA TYR B 500 -18.65 26.98 -4.70
C TYR B 500 -18.02 28.15 -3.96
N SER B 501 -17.14 27.86 -3.01
CA SER B 501 -16.53 28.91 -2.20
C SER B 501 -15.04 28.68 -1.95
N THR B 502 -14.32 29.76 -1.70
CA THR B 502 -12.90 29.71 -1.39
C THR B 502 -12.50 30.92 -0.57
N PHE B 503 -11.84 30.68 0.56
CA PHE B 503 -11.40 31.76 1.44
C PHE B 503 -10.48 32.72 0.70
N SER B 504 -10.68 34.01 0.93
CA SER B 504 -9.91 35.04 0.24
C SER B 504 -8.99 35.80 1.19
N HIS B 505 -9.58 36.53 2.12
CA HIS B 505 -8.81 37.39 3.01
C HIS B 505 -9.63 37.89 4.19
N TYR B 506 -8.95 38.17 5.30
CA TYR B 506 -9.55 38.92 6.39
C TYR B 506 -9.58 40.39 6.01
N ASP B 507 -10.57 41.11 6.51
CA ASP B 507 -10.71 42.54 6.26
C ASP B 507 -11.72 43.09 7.26
N ASP B 508 -11.70 44.41 7.47
CA ASP B 508 -12.60 45.07 8.42
C ASP B 508 -14.04 44.58 8.28
N VAL B 509 -14.67 44.29 9.40
CA VAL B 509 -16.01 43.72 9.40
C VAL B 509 -17.01 44.65 8.74
N ARG B 510 -17.96 44.07 8.03
CA ARG B 510 -19.10 44.83 7.53
C ARG B 510 -20.00 45.11 8.72
N PRO B 511 -20.32 46.39 8.96
CA PRO B 511 -21.05 46.77 10.16
C PRO B 511 -22.48 46.23 10.16
N GLY B 512 -22.93 45.74 11.31
CA GLY B 512 -24.28 45.21 11.44
C GLY B 512 -24.29 43.69 11.55
N GLU B 513 -25.47 43.11 11.40
CA GLU B 513 -25.64 41.67 11.55
C GLU B 513 -26.37 41.08 10.35
N VAL B 514 -26.24 39.76 10.18
CA VAL B 514 -26.98 39.04 9.16
C VAL B 514 -28.38 38.75 9.71
N GLY B 515 -29.37 38.73 8.83
CA GLY B 515 -30.73 38.43 9.22
C GLY B 515 -30.86 37.13 9.99
N GLN B 516 -31.61 37.15 11.08
CA GLN B 516 -31.80 35.97 11.91
C GLN B 516 -32.89 35.07 11.33
N ARG B 517 -33.33 34.09 12.11
CA ARG B 517 -34.18 33.04 11.56
C ARG B 517 -35.59 33.51 11.19
N GLN B 518 -35.99 34.66 11.72
CA GLN B 518 -37.33 35.20 11.48
C GLN B 518 -38.43 34.31 12.06
N ASN B 519 -38.32 33.01 11.82
CA ASN B 519 -39.32 32.03 12.21
C ASN B 519 -39.07 31.45 13.61
N GLY B 520 -40.13 31.26 14.38
CA GLY B 520 -40.01 30.64 15.68
C GLY B 520 -40.04 29.13 15.61
N VAL B 521 -39.81 28.48 16.74
CA VAL B 521 -39.86 27.02 16.81
C VAL B 521 -40.94 26.53 17.77
N LEU B 522 -41.48 25.35 17.46
CA LEU B 522 -42.37 24.66 18.37
C LEU B 522 -41.54 23.79 19.30
N ILE B 523 -41.69 24.01 20.60
CA ILE B 523 -40.89 23.28 21.59
C ILE B 523 -41.77 22.35 22.41
N SER B 524 -41.36 21.09 22.53
CA SER B 524 -42.13 20.12 23.29
C SER B 524 -42.07 20.43 24.78
N ASN B 525 -43.18 20.19 25.47
CA ASN B 525 -43.27 20.50 26.89
C ASN B 525 -43.09 19.27 27.77
N GLY B 526 -43.03 18.11 27.13
CA GLY B 526 -42.95 16.86 27.87
C GLY B 526 -42.28 15.73 27.10
N GLN B 527 -42.16 14.58 27.75
CA GLN B 527 -41.47 13.43 27.17
C GLN B 527 -42.42 12.26 26.92
N GLY B 528 -42.48 11.80 25.69
CA GLY B 528 -43.34 10.70 25.33
C GLY B 528 -43.56 10.59 23.82
N LYS B 529 -44.38 9.62 23.42
CA LYS B 529 -44.65 9.40 22.00
C LYS B 529 -45.67 10.39 21.45
N ALA B 530 -45.33 10.99 20.31
CA ALA B 530 -46.23 11.94 19.66
C ALA B 530 -47.47 11.24 19.12
N VAL B 531 -48.64 11.79 19.40
CA VAL B 531 -49.89 11.21 18.92
C VAL B 531 -50.49 12.06 17.80
N ALA B 532 -51.07 11.39 16.81
CA ALA B 532 -51.61 12.05 15.63
C ALA B 532 -52.73 13.03 15.97
N PHE B 533 -53.45 12.74 17.04
CA PHE B 533 -54.54 13.60 17.49
C PHE B 533 -54.05 15.00 17.82
N ALA B 534 -52.85 15.09 18.36
CA ALA B 534 -52.26 16.38 18.71
C ALA B 534 -51.61 17.06 17.52
N LEU B 535 -50.90 16.27 16.71
CA LEU B 535 -50.14 16.80 15.58
C LEU B 535 -51.02 17.48 14.54
N PHE B 536 -52.19 16.90 14.31
CA PHE B 536 -53.18 17.46 13.40
C PHE B 536 -53.54 18.89 13.81
N GLY B 537 -53.54 19.15 15.12
CA GLY B 537 -53.88 20.46 15.64
C GLY B 537 -52.74 21.45 15.56
N LEU B 538 -51.52 20.93 15.46
CA LEU B 538 -50.34 21.79 15.36
C LEU B 538 -50.17 22.35 13.96
N GLN B 539 -50.77 21.68 12.99
CA GLN B 539 -50.54 22.00 11.58
C GLN B 539 -51.25 23.27 11.11
N ASP B 540 -52.16 23.80 11.92
CA ASP B 540 -52.80 25.06 11.54
C ASP B 540 -51.91 26.24 11.98
N ARG B 541 -50.76 25.91 12.55
CA ARG B 541 -49.81 26.93 12.99
C ARG B 541 -48.36 26.50 12.80
N GLY B 542 -48.09 25.78 11.70
CA GLY B 542 -46.71 25.44 11.36
C GLY B 542 -46.50 24.08 10.71
N LYS B 543 -45.25 23.82 10.34
CA LYS B 543 -44.86 22.55 9.73
C LYS B 543 -44.05 21.72 10.73
N LEU B 544 -44.28 20.41 10.74
CA LEU B 544 -43.73 19.53 11.77
C LEU B 544 -42.49 18.75 11.32
N PHE B 545 -41.82 18.13 12.27
CA PHE B 545 -40.63 17.33 12.01
C PHE B 545 -40.89 15.84 12.19
N LEU B 546 -42.12 15.50 12.53
CA LEU B 546 -42.47 14.11 12.83
C LEU B 546 -43.96 13.86 12.74
N GLY B 547 -44.32 12.60 12.58
CA GLY B 547 -45.71 12.20 12.61
C GLY B 547 -45.96 11.21 13.74
N HIS B 548 -46.89 10.28 13.50
CA HIS B 548 -47.22 9.16 14.37
C HIS B 548 -46.11 8.66 15.31
N GLY B 549 -46.49 8.32 16.53
CA GLY B 549 -45.68 7.56 17.47
C GLY B 549 -44.17 7.78 17.57
N ALA B 550 -43.70 8.96 17.18
CA ALA B 550 -42.29 9.30 17.35
C ALA B 550 -42.03 9.68 18.81
N GLU B 551 -40.90 9.22 19.36
CA GLU B 551 -40.58 9.48 20.76
C GLU B 551 -39.87 10.82 20.95
N VAL B 552 -40.36 11.62 21.88
CA VAL B 552 -39.88 12.98 22.09
C VAL B 552 -39.60 13.20 23.59
N TYR B 553 -38.82 14.23 23.92
CA TYR B 553 -38.66 14.67 25.31
C TYR B 553 -38.84 16.18 25.40
N GLU B 554 -38.76 16.72 26.62
CA GLU B 554 -39.01 18.13 26.86
C GLU B 554 -37.78 19.00 26.57
N GLY B 555 -37.99 20.09 25.83
CA GLY B 555 -36.91 20.96 25.42
C GLY B 555 -36.62 20.77 23.95
N GLN B 556 -37.09 19.64 23.42
CA GLN B 556 -36.89 19.29 22.03
C GLN B 556 -37.72 20.15 21.11
N ILE B 557 -37.15 20.54 19.98
CA ILE B 557 -37.86 21.31 18.96
C ILE B 557 -38.50 20.38 17.94
N ILE B 558 -39.80 20.50 17.77
CA ILE B 558 -40.55 19.54 16.95
C ILE B 558 -41.11 20.12 15.66
N GLY B 559 -41.08 21.44 15.53
CA GLY B 559 -41.63 22.08 14.34
C GLY B 559 -41.17 23.50 14.12
N ILE B 560 -41.74 24.13 13.08
CA ILE B 560 -41.41 25.51 12.74
C ILE B 560 -42.65 26.38 12.88
N HIS B 561 -42.61 27.31 13.82
CA HIS B 561 -43.74 28.18 14.13
C HIS B 561 -44.08 29.07 12.93
N SER B 562 -45.38 29.19 12.65
CA SER B 562 -45.86 30.04 11.56
C SER B 562 -45.51 31.50 11.82
N ARG B 563 -45.39 31.85 13.10
CA ARG B 563 -45.06 33.21 13.50
C ARG B 563 -43.61 33.29 13.97
N SER B 564 -43.23 34.45 14.51
CA SER B 564 -41.82 34.72 14.81
C SER B 564 -41.36 34.20 16.17
N ASN B 565 -42.26 34.17 17.15
CA ASN B 565 -41.89 33.82 18.52
C ASN B 565 -41.89 32.31 18.77
N ASP B 566 -41.10 31.91 19.77
CA ASP B 566 -41.05 30.50 20.18
C ASP B 566 -42.36 30.10 20.87
N LEU B 567 -42.75 28.84 20.69
CA LEU B 567 -43.99 28.36 21.28
C LEU B 567 -43.84 26.98 21.89
N THR B 568 -43.94 26.91 23.22
CA THR B 568 -43.94 25.63 23.91
C THR B 568 -45.28 24.94 23.68
N VAL B 569 -45.20 23.71 23.18
CA VAL B 569 -46.36 23.01 22.64
C VAL B 569 -46.37 21.57 23.18
N ASN B 570 -47.54 20.93 23.28
CA ASN B 570 -47.55 19.51 23.61
C ASN B 570 -48.16 18.66 22.50
N CYS B 571 -47.44 17.59 22.18
CA CYS B 571 -47.83 16.65 21.13
C CYS B 571 -48.16 15.30 21.74
N LEU B 572 -48.60 15.32 22.99
CA LEU B 572 -48.78 14.11 23.77
C LEU B 572 -50.25 13.76 24.00
N THR B 573 -51.07 14.77 24.24
CA THR B 573 -52.49 14.57 24.50
C THR B 573 -53.20 13.95 23.30
N VAL B 590 -55.89 12.98 8.51
CA VAL B 590 -54.66 12.52 9.16
C VAL B 590 -53.46 13.20 8.47
N LEU B 591 -52.33 13.24 9.17
CA LEU B 591 -51.21 14.16 8.93
C LEU B 591 -50.74 14.50 7.51
N VAL B 592 -50.11 15.66 7.42
CA VAL B 592 -49.34 16.09 6.26
C VAL B 592 -47.92 15.56 6.42
N PRO B 593 -47.16 15.40 5.31
CA PRO B 593 -45.84 14.79 5.40
C PRO B 593 -44.86 15.59 6.26
N PRO B 594 -44.16 14.91 7.19
CA PRO B 594 -43.18 15.56 8.07
C PRO B 594 -41.96 16.07 7.30
N ILE B 595 -41.25 17.02 7.90
CA ILE B 595 -39.97 17.46 7.36
C ILE B 595 -38.82 16.76 8.07
N ARG B 596 -38.06 15.97 7.33
CA ARG B 596 -36.83 15.40 7.86
C ARG B 596 -35.66 16.23 7.39
N MET B 597 -34.78 16.62 8.30
CA MET B 597 -33.66 17.49 7.96
C MET B 597 -32.33 16.75 8.05
N THR B 598 -31.58 16.73 6.97
CA THR B 598 -30.22 16.24 7.03
C THR B 598 -29.42 17.11 7.98
N LEU B 599 -28.25 16.63 8.37
CA LEU B 599 -27.42 17.31 9.36
C LEU B 599 -27.17 18.76 9.00
N GLU B 600 -26.76 19.00 7.76
CA GLU B 600 -26.44 20.34 7.30
C GLU B 600 -27.63 21.28 7.31
N GLN B 601 -28.78 20.86 6.80
CA GLN B 601 -29.92 21.76 6.68
C GLN B 601 -30.44 22.09 8.08
N ALA B 602 -30.45 21.09 8.96
CA ALA B 602 -30.86 21.29 10.34
C ALA B 602 -29.86 22.21 11.07
N LEU B 603 -28.59 22.08 10.73
CA LEU B 603 -27.54 22.86 11.38
C LEU B 603 -27.55 24.30 10.88
N GLU B 604 -28.10 24.51 9.69
CA GLU B 604 -28.28 25.86 9.16
C GLU B 604 -29.51 26.51 9.77
N PHE B 605 -30.34 25.67 10.40
CA PHE B 605 -31.60 26.09 10.99
C PHE B 605 -31.44 26.57 12.43
N ILE B 606 -30.46 26.00 13.12
CA ILE B 606 -30.26 26.23 14.56
C ILE B 606 -29.93 27.70 14.88
N ASP B 607 -30.45 28.17 16.01
CA ASP B 607 -30.16 29.53 16.50
C ASP B 607 -29.17 29.47 17.65
N ASP B 608 -28.75 30.64 18.13
CA ASP B 608 -27.69 30.74 19.12
C ASP B 608 -28.04 30.13 20.48
N ASP B 609 -29.33 30.07 20.79
CA ASP B 609 -29.75 29.49 22.06
C ASP B 609 -30.20 28.04 21.89
N GLU B 610 -29.74 27.42 20.81
CA GLU B 610 -30.15 26.06 20.48
C GLU B 610 -28.96 25.18 20.12
N LEU B 611 -29.22 23.88 20.02
CA LEU B 611 -28.17 22.89 19.74
C LEU B 611 -28.68 21.80 18.80
N VAL B 612 -27.74 21.13 18.13
CA VAL B 612 -28.07 19.91 17.41
C VAL B 612 -27.48 18.72 18.16
N GLU B 613 -28.28 17.66 18.30
CA GLU B 613 -27.81 16.41 18.87
C GLU B 613 -27.70 15.37 17.79
N VAL B 614 -26.46 15.09 17.40
CA VAL B 614 -26.13 14.39 16.15
C VAL B 614 -25.66 12.93 16.36
N THR B 615 -26.59 11.97 16.08
CA THR B 615 -26.55 10.55 16.53
C THR B 615 -26.78 9.36 15.50
N PRO B 616 -25.82 8.41 15.39
CA PRO B 616 -25.73 7.28 14.45
C PRO B 616 -26.95 6.98 13.58
N THR B 617 -28.12 6.84 14.20
CA THR B 617 -29.33 6.55 13.45
C THR B 617 -29.94 7.85 12.93
N SER B 618 -30.07 8.84 13.80
CA SER B 618 -30.52 10.17 13.37
C SER B 618 -30.30 11.26 14.43
N ILE B 619 -30.22 12.50 13.96
CA ILE B 619 -29.99 13.67 14.80
C ILE B 619 -31.30 14.41 15.11
N ARG B 620 -31.32 15.12 16.24
CA ARG B 620 -32.49 15.88 16.65
C ARG B 620 -32.14 17.33 16.96
N ILE B 621 -33.16 18.19 16.99
CA ILE B 621 -32.97 19.60 17.32
C ILE B 621 -33.53 19.89 18.71
N ARG B 622 -32.77 20.63 19.51
CA ARG B 622 -33.17 20.94 20.88
C ARG B 622 -32.75 22.34 21.32
N LYS B 623 -33.42 22.86 22.35
CA LYS B 623 -33.04 24.13 22.95
C LYS B 623 -31.86 23.94 23.89
N ARG B 624 -31.22 25.03 24.26
CA ARG B 624 -30.13 25.00 25.23
C ARG B 624 -30.68 24.67 26.61
N HIS B 625 -31.58 25.52 27.08
CA HIS B 625 -32.30 25.29 28.33
C HIS B 625 -33.57 24.50 28.02
N LEU B 626 -33.70 23.32 28.60
CA LEU B 626 -34.74 22.37 28.22
C LEU B 626 -36.13 22.71 28.76
N THR B 627 -36.18 23.40 29.89
CA THR B 627 -37.48 23.72 30.48
C THR B 627 -37.89 25.16 30.19
N GLU B 628 -39.19 25.36 29.99
CA GLU B 628 -39.74 26.67 29.66
C GLU B 628 -39.40 27.72 30.72
N ASN B 629 -39.39 27.30 31.98
CA ASN B 629 -39.06 28.18 33.08
C ASN B 629 -37.64 28.72 32.99
N ASP B 630 -36.70 27.85 32.63
CA ASP B 630 -35.29 28.23 32.49
C ASP B 630 -35.12 29.24 31.36
N ARG B 631 -35.77 28.98 30.22
CA ARG B 631 -35.70 29.85 29.06
C ARG B 631 -36.17 31.27 29.40
N ARG B 632 -37.36 31.36 29.98
CA ARG B 632 -37.97 32.64 30.32
C ARG B 632 -37.08 33.48 31.23
N ARG B 633 -36.33 32.81 32.10
CA ARG B 633 -35.42 33.49 33.02
C ARG B 633 -34.28 34.17 32.25
N ALA B 634 -33.84 33.54 31.17
CA ALA B 634 -32.76 34.08 30.35
C ALA B 634 -33.28 35.09 29.32
N ASN B 635 -34.18 35.97 29.76
CA ASN B 635 -34.75 36.98 28.89
C ASN B 635 -35.44 38.09 29.69
#